data_1EGT
# 
_entry.id   1EGT 
# 
_audit_conform.dict_name       mmcif_pdbx.dic 
_audit_conform.dict_version    5.398 
_audit_conform.dict_location   http://mmcif.pdb.org/dictionaries/ascii/mmcif_pdbx.dic 
# 
loop_
_database_2.database_id 
_database_2.database_code 
_database_2.pdbx_database_accession 
_database_2.pdbx_DOI 
PDB   1EGT         pdb_00001egt 10.2210/pdb1egt/pdb 
WWPDB D_1000173050 ?            ?                   
# 
loop_
_pdbx_audit_revision_history.ordinal 
_pdbx_audit_revision_history.data_content_type 
_pdbx_audit_revision_history.major_revision 
_pdbx_audit_revision_history.minor_revision 
_pdbx_audit_revision_history.revision_date 
1 'Structure model' 1 0 1995-11-15 
2 'Structure model' 1 1 2008-03-24 
3 'Structure model' 1 2 2011-07-13 
4 'Structure model' 1 3 2022-02-16 
5 'Structure model' 1 4 2024-10-30 
# 
_pdbx_audit_revision_details.ordinal             1 
_pdbx_audit_revision_details.revision_ordinal    1 
_pdbx_audit_revision_details.data_content_type   'Structure model' 
_pdbx_audit_revision_details.provider            repository 
_pdbx_audit_revision_details.type                'Initial release' 
_pdbx_audit_revision_details.description         ? 
_pdbx_audit_revision_details.details             ? 
# 
loop_
_pdbx_audit_revision_group.ordinal 
_pdbx_audit_revision_group.revision_ordinal 
_pdbx_audit_revision_group.data_content_type 
_pdbx_audit_revision_group.group 
1 2 'Structure model' 'Version format compliance' 
2 3 'Structure model' 'Version format compliance' 
3 4 'Structure model' 'Database references'       
4 4 'Structure model' 'Derived calculations'      
5 4 'Structure model' Other                       
6 5 'Structure model' 'Data collection'           
7 5 'Structure model' 'Structure summary'         
# 
loop_
_pdbx_audit_revision_category.ordinal 
_pdbx_audit_revision_category.revision_ordinal 
_pdbx_audit_revision_category.data_content_type 
_pdbx_audit_revision_category.category 
1 4 'Structure model' database_2                
2 4 'Structure model' pdbx_database_status      
3 4 'Structure model' pdbx_struct_assembly      
4 4 'Structure model' pdbx_struct_oper_list     
5 4 'Structure model' struct_ref_seq_dif        
6 5 'Structure model' chem_comp_atom            
7 5 'Structure model' chem_comp_bond            
8 5 'Structure model' pdbx_entry_details        
9 5 'Structure model' pdbx_modification_feature 
# 
loop_
_pdbx_audit_revision_item.ordinal 
_pdbx_audit_revision_item.revision_ordinal 
_pdbx_audit_revision_item.data_content_type 
_pdbx_audit_revision_item.item 
1 4 'Structure model' '_database_2.pdbx_DOI'                
2 4 'Structure model' '_database_2.pdbx_database_accession' 
3 4 'Structure model' '_pdbx_database_status.process_site'  
4 4 'Structure model' '_struct_ref_seq_dif.details'         
# 
_pdbx_database_status.status_code                     REL 
_pdbx_database_status.entry_id                        1EGT 
_pdbx_database_status.recvd_initial_deposition_date   1994-10-12 
_pdbx_database_status.deposit_site                    ? 
_pdbx_database_status.process_site                    BNL 
_pdbx_database_status.SG_entry                        . 
_pdbx_database_status.pdb_format_compatible           Y 
_pdbx_database_status.status_code_mr                  ? 
_pdbx_database_status.status_code_sf                  ? 
_pdbx_database_status.status_code_cs                  ? 
_pdbx_database_status.status_code_nmr_data            ? 
_pdbx_database_status.methods_development_category    ? 
# 
_audit_author.name           'Ni, F.' 
_audit_author.pdbx_ordinal   1 
# 
_citation.id                        primary 
_citation.title                     
'Thrombin-bound structure of an EGF subdomain from human thrombomodulin determined by transferred nuclear Overhauser effects.' 
_citation.journal_abbrev            Biochemistry 
_citation.journal_volume            33 
_citation.page_first                13553 
_citation.page_last                 13560 
_citation.year                      1994 
_citation.journal_id_ASTM           BICHAW 
_citation.country                   US 
_citation.journal_id_ISSN           0006-2960 
_citation.journal_id_CSD            0033 
_citation.book_publisher            ? 
_citation.pdbx_database_id_PubMed   7947766 
_citation.pdbx_database_id_DOI      10.1021/bi00250a007 
# 
loop_
_citation_author.citation_id 
_citation_author.name 
_citation_author.ordinal 
_citation_author.identifier_ORCID 
primary 'Srinivasan, J.' 1 ? 
primary 'Hu, S.'         2 ? 
primary 'Hrabal, R.'     3 ? 
primary 'Zhu, Y.'        4 ? 
primary 'Komives, E.A.'  5 ? 
primary 'Ni, F.'         6 ? 
# 
_entity.id                         1 
_entity.type                       polymer 
_entity.src_method                 man 
_entity.pdbx_description           THROMBOMODULIN 
_entity.formula_weight             1905.023 
_entity.pdbx_number_of_molecules   1 
_entity.pdbx_ec                    ? 
_entity.pdbx_mutation              'DEL(ILE 420)' 
_entity.pdbx_fragment              ? 
_entity.details                    ? 
# 
_entity_poly.entity_id                      1 
_entity_poly.type                           'polypeptide(L)' 
_entity_poly.nstd_linkage                   no 
_entity_poly.nstd_monomer                   no 
_entity_poly.pdbx_seq_one_letter_code       CPEGYILDDGFCTDIDE 
_entity_poly.pdbx_seq_one_letter_code_can   CPEGYILDDGFCTDIDE 
_entity_poly.pdbx_strand_id                 A 
_entity_poly.pdbx_target_identifier         ? 
# 
loop_
_entity_poly_seq.entity_id 
_entity_poly_seq.num 
_entity_poly_seq.mon_id 
_entity_poly_seq.hetero 
1 1  CYS n 
1 2  PRO n 
1 3  GLU n 
1 4  GLY n 
1 5  TYR n 
1 6  ILE n 
1 7  LEU n 
1 8  ASP n 
1 9  ASP n 
1 10 GLY n 
1 11 PHE n 
1 12 CYS n 
1 13 THR n 
1 14 ASP n 
1 15 ILE n 
1 16 ASP n 
1 17 GLU n 
# 
_entity_src_gen.entity_id                          1 
_entity_src_gen.pdbx_src_id                        1 
_entity_src_gen.pdbx_alt_source_flag               sample 
_entity_src_gen.pdbx_seq_type                      ? 
_entity_src_gen.pdbx_beg_seq_num                   ? 
_entity_src_gen.pdbx_end_seq_num                   ? 
_entity_src_gen.gene_src_common_name               human 
_entity_src_gen.gene_src_genus                     Homo 
_entity_src_gen.pdbx_gene_src_gene                 ? 
_entity_src_gen.gene_src_species                   ? 
_entity_src_gen.gene_src_strain                    ? 
_entity_src_gen.gene_src_tissue                    ? 
_entity_src_gen.gene_src_tissue_fraction           ? 
_entity_src_gen.gene_src_details                   ? 
_entity_src_gen.pdbx_gene_src_fragment             ? 
_entity_src_gen.pdbx_gene_src_scientific_name      'Homo sapiens' 
_entity_src_gen.pdbx_gene_src_ncbi_taxonomy_id     9606 
_entity_src_gen.pdbx_gene_src_variant              ? 
_entity_src_gen.pdbx_gene_src_cell_line            ? 
_entity_src_gen.pdbx_gene_src_atcc                 ? 
_entity_src_gen.pdbx_gene_src_organ                ? 
_entity_src_gen.pdbx_gene_src_organelle            ? 
_entity_src_gen.pdbx_gene_src_cell                 ? 
_entity_src_gen.pdbx_gene_src_cellular_location    ? 
_entity_src_gen.host_org_common_name               ? 
_entity_src_gen.pdbx_host_org_scientific_name      ? 
_entity_src_gen.pdbx_host_org_ncbi_taxonomy_id     ? 
_entity_src_gen.host_org_genus                     ? 
_entity_src_gen.pdbx_host_org_gene                 ? 
_entity_src_gen.pdbx_host_org_organ                ? 
_entity_src_gen.host_org_species                   ? 
_entity_src_gen.pdbx_host_org_tissue               ? 
_entity_src_gen.pdbx_host_org_tissue_fraction      ? 
_entity_src_gen.pdbx_host_org_strain               ? 
_entity_src_gen.pdbx_host_org_variant              ? 
_entity_src_gen.pdbx_host_org_cell_line            ? 
_entity_src_gen.pdbx_host_org_atcc                 ? 
_entity_src_gen.pdbx_host_org_culture_collection   ? 
_entity_src_gen.pdbx_host_org_cell                 ? 
_entity_src_gen.pdbx_host_org_organelle            ? 
_entity_src_gen.pdbx_host_org_cellular_location    ? 
_entity_src_gen.pdbx_host_org_vector_type          ? 
_entity_src_gen.pdbx_host_org_vector               ? 
_entity_src_gen.host_org_details                   ? 
_entity_src_gen.expression_system_id               ? 
_entity_src_gen.plasmid_name                       ? 
_entity_src_gen.plasmid_details                    ? 
_entity_src_gen.pdbx_description                   ? 
# 
loop_
_chem_comp.id 
_chem_comp.type 
_chem_comp.mon_nstd_flag 
_chem_comp.name 
_chem_comp.pdbx_synonyms 
_chem_comp.formula 
_chem_comp.formula_weight 
ASP 'L-peptide linking' y 'ASPARTIC ACID' ? 'C4 H7 N O4'   133.103 
CYS 'L-peptide linking' y CYSTEINE        ? 'C3 H7 N O2 S' 121.158 
GLU 'L-peptide linking' y 'GLUTAMIC ACID' ? 'C5 H9 N O4'   147.129 
GLY 'peptide linking'   y GLYCINE         ? 'C2 H5 N O2'   75.067  
ILE 'L-peptide linking' y ISOLEUCINE      ? 'C6 H13 N O2'  131.173 
LEU 'L-peptide linking' y LEUCINE         ? 'C6 H13 N O2'  131.173 
PHE 'L-peptide linking' y PHENYLALANINE   ? 'C9 H11 N O2'  165.189 
PRO 'L-peptide linking' y PROLINE         ? 'C5 H9 N O2'   115.130 
THR 'L-peptide linking' y THREONINE       ? 'C4 H9 N O3'   119.119 
TYR 'L-peptide linking' y TYROSINE        ? 'C9 H11 N O3'  181.189 
# 
loop_
_pdbx_poly_seq_scheme.asym_id 
_pdbx_poly_seq_scheme.entity_id 
_pdbx_poly_seq_scheme.seq_id 
_pdbx_poly_seq_scheme.mon_id 
_pdbx_poly_seq_scheme.ndb_seq_num 
_pdbx_poly_seq_scheme.pdb_seq_num 
_pdbx_poly_seq_scheme.auth_seq_num 
_pdbx_poly_seq_scheme.pdb_mon_id 
_pdbx_poly_seq_scheme.auth_mon_id 
_pdbx_poly_seq_scheme.pdb_strand_id 
_pdbx_poly_seq_scheme.pdb_ins_code 
_pdbx_poly_seq_scheme.hetero 
A 1 1  CYS 1  1  1  CYS CYS A . n 
A 1 2  PRO 2  2  2  PRO PRO A . n 
A 1 3  GLU 3  3  3  GLU GLU A . n 
A 1 4  GLY 4  4  4  GLY GLY A . n 
A 1 5  TYR 5  5  5  TYR TYR A . n 
A 1 6  ILE 6  6  6  ILE ILE A . n 
A 1 7  LEU 7  7  7  LEU LEU A . n 
A 1 8  ASP 8  8  8  ASP ASP A . n 
A 1 9  ASP 9  9  9  ASP ASP A . n 
A 1 10 GLY 10 10 10 GLY GLY A . n 
A 1 11 PHE 11 11 11 PHE PHE A . n 
A 1 12 CYS 12 12 12 CYS CYS A . n 
A 1 13 THR 13 13 13 THR THR A . n 
A 1 14 ASP 14 14 14 ASP ASP A . n 
A 1 15 ILE 15 15 15 ILE ILE A . n 
A 1 16 ASP 16 16 16 ASP ASP A . n 
A 1 17 GLU 17 17 17 GLU GLU A . n 
# 
_cell.entry_id           1EGT 
_cell.length_a           1.000 
_cell.length_b           1.000 
_cell.length_c           1.000 
_cell.angle_alpha        90.00 
_cell.angle_beta         90.00 
_cell.angle_gamma        90.00 
_cell.Z_PDB              1 
_cell.pdbx_unique_axis   ? 
# 
_symmetry.entry_id                         1EGT 
_symmetry.space_group_name_H-M             'P 1' 
_symmetry.pdbx_full_space_group_name_H-M   ? 
_symmetry.cell_setting                     ? 
_symmetry.Int_Tables_number                1 
# 
_exptl.entry_id          1EGT 
_exptl.method            'SOLUTION NMR' 
_exptl.crystals_number   ? 
# 
_struct.entry_id                  1EGT 
_struct.title                     
'THROMBIN-BOUND STRUCTURE OF AN EGF SUBDOMAIN FROM HUMAN THROMBOMODULIN DETERMINED BY TRANSFERRED NUCLEAR OVERHAUSER EFFECTS' 
_struct.pdbx_model_details        ? 
_struct.pdbx_CASP_flag            ? 
_struct.pdbx_model_type_details   ? 
# 
_struct_keywords.entry_id        1EGT 
_struct_keywords.pdbx_keywords   'BLOOD COAGULATION INHIBITOR' 
_struct_keywords.text            'EGF, EPIDERMAL GROWTH FACTOR, BLOOD COAGULATION INHIBITOR' 
# 
_struct_asym.id                            A 
_struct_asym.pdbx_blank_PDB_chainid_flag   Y 
_struct_asym.pdbx_modified                 N 
_struct_asym.entity_id                     1 
_struct_asym.details                       ? 
# 
_struct_ref.id                         1 
_struct_ref.db_name                    UNP 
_struct_ref.db_code                    TRBM_HUMAN 
_struct_ref.entity_id                  1 
_struct_ref.pdbx_db_accession          P07204 
_struct_ref.pdbx_align_begin           1 
_struct_ref.pdbx_seq_one_letter_code   
;MLGVLVLGALALAGLGFPAPAEPQPGGSQCVEHDCFALYPGPATFLNASQICDGLRGHLMTVRSSVAADVISLLLNGDGG
VGRRRLWIGLQLPPGCGDPKRLGPLRGFQWVTGDNNTSYSRWARLDLNGAPLCGPLCVAVSAAEATVPSEPIWEEQQCEV
KADGFLCEFHFPATCRPLAVEPGAAAAAVSITYGTPFAARGADFQALPVGSSAAVAPLGLQLMCTAPPGAVQGHWAREAP
GAWDCSVENGGCEHACNAIPGAPRCQCPAGAALQADGRSCTASATQSCNDLCEHFCVPNPDQPGSYSCMCETGYRLAADQ
HRCEDVDDCILEPSPCPQRCVNTQGGFECHCYPNYDLVDGECVEPVDPCFRANCEYQCQPLNQTSYLCVCAEGFAPIPHE
PHRCQMFCNQTACPADCDPNTQASCECPEGYILDDGFICTDIDECENGGFCSGVCHNLPGTFECICGPDSALARHIGTDC
DSGKVDGGDSGSGEPPPSPTPGSTLTPPAVGLVHSGLLIGISIASLCLVVALLALLCHLRKKQGAARAKMEYKCAAPSKE
VVLQHVRTERTPQRL
;
_struct_ref.pdbx_db_isoform            ? 
# 
_struct_ref_seq.align_id                      1 
_struct_ref_seq.ref_id                        1 
_struct_ref_seq.pdbx_PDB_id_code              1EGT 
_struct_ref_seq.pdbx_strand_id                A 
_struct_ref_seq.seq_align_beg                 1 
_struct_ref_seq.pdbx_seq_align_beg_ins_code   ? 
_struct_ref_seq.seq_align_end                 17 
_struct_ref_seq.pdbx_seq_align_end_ins_code   ? 
_struct_ref_seq.pdbx_db_accession             P07204 
_struct_ref_seq.db_align_beg                  427 
_struct_ref_seq.pdbx_db_align_beg_ins_code    ? 
_struct_ref_seq.db_align_end                  444 
_struct_ref_seq.pdbx_db_align_end_ins_code    ? 
_struct_ref_seq.pdbx_auth_seq_align_beg       1 
_struct_ref_seq.pdbx_auth_seq_align_end       17 
# 
_struct_ref_seq_dif.align_id                     1 
_struct_ref_seq_dif.pdbx_pdb_id_code             1EGT 
_struct_ref_seq_dif.mon_id                       ? 
_struct_ref_seq_dif.pdbx_pdb_strand_id           A 
_struct_ref_seq_dif.seq_num                      ? 
_struct_ref_seq_dif.pdbx_pdb_ins_code            ? 
_struct_ref_seq_dif.pdbx_seq_db_name             UNP 
_struct_ref_seq_dif.pdbx_seq_db_accession_code   P07204 
_struct_ref_seq_dif.db_mon_id                    ILE 
_struct_ref_seq_dif.pdbx_seq_db_seq_num          438 
_struct_ref_seq_dif.details                      deletion 
_struct_ref_seq_dif.pdbx_auth_seq_num            ? 
_struct_ref_seq_dif.pdbx_ordinal                 1 
# 
_pdbx_struct_assembly.id                   1 
_pdbx_struct_assembly.details              author_defined_assembly 
_pdbx_struct_assembly.method_details       ? 
_pdbx_struct_assembly.oligomeric_details   monomeric 
_pdbx_struct_assembly.oligomeric_count     1 
# 
_pdbx_struct_assembly_gen.assembly_id       1 
_pdbx_struct_assembly_gen.oper_expression   1 
_pdbx_struct_assembly_gen.asym_id_list      A 
# 
_pdbx_struct_oper_list.id                   1 
_pdbx_struct_oper_list.type                 'identity operation' 
_pdbx_struct_oper_list.name                 1_555 
_pdbx_struct_oper_list.symmetry_operation   x,y,z 
_pdbx_struct_oper_list.matrix[1][1]         1.0000000000 
_pdbx_struct_oper_list.matrix[1][2]         0.0000000000 
_pdbx_struct_oper_list.matrix[1][3]         0.0000000000 
_pdbx_struct_oper_list.vector[1]            0.0000000000 
_pdbx_struct_oper_list.matrix[2][1]         0.0000000000 
_pdbx_struct_oper_list.matrix[2][2]         1.0000000000 
_pdbx_struct_oper_list.matrix[2][3]         0.0000000000 
_pdbx_struct_oper_list.vector[2]            0.0000000000 
_pdbx_struct_oper_list.matrix[3][1]         0.0000000000 
_pdbx_struct_oper_list.matrix[3][2]         0.0000000000 
_pdbx_struct_oper_list.matrix[3][3]         1.0000000000 
_pdbx_struct_oper_list.vector[3]            0.0000000000 
# 
_struct_biol.id   1 
# 
_struct_conn.id                            disulf1 
_struct_conn.conn_type_id                  disulf 
_struct_conn.pdbx_leaving_atom_flag        ? 
_struct_conn.pdbx_PDB_id                   ? 
_struct_conn.ptnr1_label_asym_id           A 
_struct_conn.ptnr1_label_comp_id           CYS 
_struct_conn.ptnr1_label_seq_id            1 
_struct_conn.ptnr1_label_atom_id           SG 
_struct_conn.pdbx_ptnr1_label_alt_id       ? 
_struct_conn.pdbx_ptnr1_PDB_ins_code       ? 
_struct_conn.pdbx_ptnr1_standard_comp_id   ? 
_struct_conn.ptnr1_symmetry                1_555 
_struct_conn.ptnr2_label_asym_id           A 
_struct_conn.ptnr2_label_comp_id           CYS 
_struct_conn.ptnr2_label_seq_id            12 
_struct_conn.ptnr2_label_atom_id           SG 
_struct_conn.pdbx_ptnr2_label_alt_id       ? 
_struct_conn.pdbx_ptnr2_PDB_ins_code       ? 
_struct_conn.ptnr1_auth_asym_id            A 
_struct_conn.ptnr1_auth_comp_id            CYS 
_struct_conn.ptnr1_auth_seq_id             1 
_struct_conn.ptnr2_auth_asym_id            A 
_struct_conn.ptnr2_auth_comp_id            CYS 
_struct_conn.ptnr2_auth_seq_id             12 
_struct_conn.ptnr2_symmetry                1_555 
_struct_conn.pdbx_ptnr3_label_atom_id      ? 
_struct_conn.pdbx_ptnr3_label_seq_id       ? 
_struct_conn.pdbx_ptnr3_label_comp_id      ? 
_struct_conn.pdbx_ptnr3_label_asym_id      ? 
_struct_conn.pdbx_ptnr3_label_alt_id       ? 
_struct_conn.pdbx_ptnr3_PDB_ins_code       ? 
_struct_conn.details                       ? 
_struct_conn.pdbx_dist_value               2.038 
_struct_conn.pdbx_value_order              ? 
_struct_conn.pdbx_role                     ? 
# 
_struct_conn_type.id          disulf 
_struct_conn_type.criteria    ? 
_struct_conn_type.reference   ? 
# 
_pdbx_modification_feature.ordinal                            1 
_pdbx_modification_feature.label_comp_id                      CYS 
_pdbx_modification_feature.label_asym_id                      A 
_pdbx_modification_feature.label_seq_id                       1 
_pdbx_modification_feature.label_alt_id                       ? 
_pdbx_modification_feature.modified_residue_label_comp_id     CYS 
_pdbx_modification_feature.modified_residue_label_asym_id     A 
_pdbx_modification_feature.modified_residue_label_seq_id      12 
_pdbx_modification_feature.modified_residue_label_alt_id      ? 
_pdbx_modification_feature.auth_comp_id                       CYS 
_pdbx_modification_feature.auth_asym_id                       A 
_pdbx_modification_feature.auth_seq_id                        1 
_pdbx_modification_feature.PDB_ins_code                       ? 
_pdbx_modification_feature.symmetry                           1_555 
_pdbx_modification_feature.modified_residue_auth_comp_id      CYS 
_pdbx_modification_feature.modified_residue_auth_asym_id      A 
_pdbx_modification_feature.modified_residue_auth_seq_id       12 
_pdbx_modification_feature.modified_residue_PDB_ins_code      ? 
_pdbx_modification_feature.modified_residue_symmetry          1_555 
_pdbx_modification_feature.comp_id_linking_atom               SG 
_pdbx_modification_feature.modified_residue_id_linking_atom   SG 
_pdbx_modification_feature.modified_residue_id                . 
_pdbx_modification_feature.ref_pcm_id                         . 
_pdbx_modification_feature.ref_comp_id                        . 
_pdbx_modification_feature.type                               None 
_pdbx_modification_feature.category                           'Disulfide bridge' 
# 
_struct_sheet.id               A 
_struct_sheet.type             ? 
_struct_sheet.number_strands   2 
_struct_sheet.details          ? 
# 
_struct_sheet_order.sheet_id     A 
_struct_sheet_order.range_id_1   1 
_struct_sheet_order.range_id_2   2 
_struct_sheet_order.offset       ? 
_struct_sheet_order.sense        anti-parallel 
# 
loop_
_struct_sheet_range.sheet_id 
_struct_sheet_range.id 
_struct_sheet_range.beg_label_comp_id 
_struct_sheet_range.beg_label_asym_id 
_struct_sheet_range.beg_label_seq_id 
_struct_sheet_range.pdbx_beg_PDB_ins_code 
_struct_sheet_range.end_label_comp_id 
_struct_sheet_range.end_label_asym_id 
_struct_sheet_range.end_label_seq_id 
_struct_sheet_range.pdbx_end_PDB_ins_code 
_struct_sheet_range.beg_auth_comp_id 
_struct_sheet_range.beg_auth_asym_id 
_struct_sheet_range.beg_auth_seq_id 
_struct_sheet_range.end_auth_comp_id 
_struct_sheet_range.end_auth_asym_id 
_struct_sheet_range.end_auth_seq_id 
A 1 TYR A 5  ? LEU A 7  ? TYR A 5  LEU A 7  
A 2 CYS A 12 ? ASP A 14 ? CYS A 12 ASP A 14 
# 
_pdbx_struct_sheet_hbond.sheet_id                A 
_pdbx_struct_sheet_hbond.range_id_1              1 
_pdbx_struct_sheet_hbond.range_id_2              2 
_pdbx_struct_sheet_hbond.range_1_label_atom_id   O 
_pdbx_struct_sheet_hbond.range_1_label_comp_id   ILE 
_pdbx_struct_sheet_hbond.range_1_label_asym_id   A 
_pdbx_struct_sheet_hbond.range_1_label_seq_id    6 
_pdbx_struct_sheet_hbond.range_1_PDB_ins_code    ? 
_pdbx_struct_sheet_hbond.range_1_auth_atom_id    O 
_pdbx_struct_sheet_hbond.range_1_auth_comp_id    ILE 
_pdbx_struct_sheet_hbond.range_1_auth_asym_id    A 
_pdbx_struct_sheet_hbond.range_1_auth_seq_id     6 
_pdbx_struct_sheet_hbond.range_2_label_atom_id   N 
_pdbx_struct_sheet_hbond.range_2_label_comp_id   THR 
_pdbx_struct_sheet_hbond.range_2_label_asym_id   A 
_pdbx_struct_sheet_hbond.range_2_label_seq_id    13 
_pdbx_struct_sheet_hbond.range_2_PDB_ins_code    ? 
_pdbx_struct_sheet_hbond.range_2_auth_atom_id    N 
_pdbx_struct_sheet_hbond.range_2_auth_comp_id    THR 
_pdbx_struct_sheet_hbond.range_2_auth_asym_id    A 
_pdbx_struct_sheet_hbond.range_2_auth_seq_id     13 
# 
_pdbx_entry_details.entry_id                   1EGT 
_pdbx_entry_details.compound_details           ? 
_pdbx_entry_details.source_details             ? 
_pdbx_entry_details.nonpolymer_details         ? 
_pdbx_entry_details.sequence_details           ? 
_pdbx_entry_details.has_ligand_of_interest     ? 
_pdbx_entry_details.has_protein_modification   Y 
# 
loop_
_pdbx_validate_torsion.id 
_pdbx_validate_torsion.PDB_model_num 
_pdbx_validate_torsion.auth_comp_id 
_pdbx_validate_torsion.auth_asym_id 
_pdbx_validate_torsion.auth_seq_id 
_pdbx_validate_torsion.PDB_ins_code 
_pdbx_validate_torsion.label_alt_id 
_pdbx_validate_torsion.phi 
_pdbx_validate_torsion.psi 
1 1 ASP A 8  ? ? -121.24 -73.61 
2 1 ASP A 9  ? ? -101.74 53.68  
3 2 ASP A 8  ? ? -144.60 -67.84 
4 2 ASP A 9  ? ? -108.49 48.89  
5 3 ASP A 16 ? ? 51.37   79.72  
# 
_pdbx_nmr_ensemble.entry_id                             1EGT 
_pdbx_nmr_ensemble.conformers_calculated_total_number   ? 
_pdbx_nmr_ensemble.conformers_submitted_total_number    3 
_pdbx_nmr_ensemble.conformer_selection_criteria         ? 
# 
_pdbx_nmr_software.classification   refinement 
_pdbx_nmr_software.name             ECEPP/MCM 
_pdbx_nmr_software.version          ? 
_pdbx_nmr_software.authors          RIPOLL,SCHERAGA 
_pdbx_nmr_software.ordinal          1 
# 
loop_
_chem_comp_atom.comp_id 
_chem_comp_atom.atom_id 
_chem_comp_atom.type_symbol 
_chem_comp_atom.pdbx_aromatic_flag 
_chem_comp_atom.pdbx_stereo_config 
_chem_comp_atom.pdbx_ordinal 
ASP N    N N N 1   
ASP CA   C N S 2   
ASP C    C N N 3   
ASP O    O N N 4   
ASP CB   C N N 5   
ASP CG   C N N 6   
ASP OD1  O N N 7   
ASP OD2  O N N 8   
ASP OXT  O N N 9   
ASP H    H N N 10  
ASP H2   H N N 11  
ASP HA   H N N 12  
ASP HB2  H N N 13  
ASP HB3  H N N 14  
ASP HD2  H N N 15  
ASP HXT  H N N 16  
CYS N    N N N 17  
CYS CA   C N R 18  
CYS C    C N N 19  
CYS O    O N N 20  
CYS CB   C N N 21  
CYS SG   S N N 22  
CYS OXT  O N N 23  
CYS H    H N N 24  
CYS H2   H N N 25  
CYS HA   H N N 26  
CYS HB2  H N N 27  
CYS HB3  H N N 28  
CYS HG   H N N 29  
CYS HXT  H N N 30  
GLU N    N N N 31  
GLU CA   C N S 32  
GLU C    C N N 33  
GLU O    O N N 34  
GLU CB   C N N 35  
GLU CG   C N N 36  
GLU CD   C N N 37  
GLU OE1  O N N 38  
GLU OE2  O N N 39  
GLU OXT  O N N 40  
GLU H    H N N 41  
GLU H2   H N N 42  
GLU HA   H N N 43  
GLU HB2  H N N 44  
GLU HB3  H N N 45  
GLU HG2  H N N 46  
GLU HG3  H N N 47  
GLU HE2  H N N 48  
GLU HXT  H N N 49  
GLY N    N N N 50  
GLY CA   C N N 51  
GLY C    C N N 52  
GLY O    O N N 53  
GLY OXT  O N N 54  
GLY H    H N N 55  
GLY H2   H N N 56  
GLY HA2  H N N 57  
GLY HA3  H N N 58  
GLY HXT  H N N 59  
ILE N    N N N 60  
ILE CA   C N S 61  
ILE C    C N N 62  
ILE O    O N N 63  
ILE CB   C N S 64  
ILE CG1  C N N 65  
ILE CG2  C N N 66  
ILE CD1  C N N 67  
ILE OXT  O N N 68  
ILE H    H N N 69  
ILE H2   H N N 70  
ILE HA   H N N 71  
ILE HB   H N N 72  
ILE HG12 H N N 73  
ILE HG13 H N N 74  
ILE HG21 H N N 75  
ILE HG22 H N N 76  
ILE HG23 H N N 77  
ILE HD11 H N N 78  
ILE HD12 H N N 79  
ILE HD13 H N N 80  
ILE HXT  H N N 81  
LEU N    N N N 82  
LEU CA   C N S 83  
LEU C    C N N 84  
LEU O    O N N 85  
LEU CB   C N N 86  
LEU CG   C N N 87  
LEU CD1  C N N 88  
LEU CD2  C N N 89  
LEU OXT  O N N 90  
LEU H    H N N 91  
LEU H2   H N N 92  
LEU HA   H N N 93  
LEU HB2  H N N 94  
LEU HB3  H N N 95  
LEU HG   H N N 96  
LEU HD11 H N N 97  
LEU HD12 H N N 98  
LEU HD13 H N N 99  
LEU HD21 H N N 100 
LEU HD22 H N N 101 
LEU HD23 H N N 102 
LEU HXT  H N N 103 
PHE N    N N N 104 
PHE CA   C N S 105 
PHE C    C N N 106 
PHE O    O N N 107 
PHE CB   C N N 108 
PHE CG   C Y N 109 
PHE CD1  C Y N 110 
PHE CD2  C Y N 111 
PHE CE1  C Y N 112 
PHE CE2  C Y N 113 
PHE CZ   C Y N 114 
PHE OXT  O N N 115 
PHE H    H N N 116 
PHE H2   H N N 117 
PHE HA   H N N 118 
PHE HB2  H N N 119 
PHE HB3  H N N 120 
PHE HD1  H N N 121 
PHE HD2  H N N 122 
PHE HE1  H N N 123 
PHE HE2  H N N 124 
PHE HZ   H N N 125 
PHE HXT  H N N 126 
PRO N    N N N 127 
PRO CA   C N S 128 
PRO C    C N N 129 
PRO O    O N N 130 
PRO CB   C N N 131 
PRO CG   C N N 132 
PRO CD   C N N 133 
PRO OXT  O N N 134 
PRO H    H N N 135 
PRO HA   H N N 136 
PRO HB2  H N N 137 
PRO HB3  H N N 138 
PRO HG2  H N N 139 
PRO HG3  H N N 140 
PRO HD2  H N N 141 
PRO HD3  H N N 142 
PRO HXT  H N N 143 
THR N    N N N 144 
THR CA   C N S 145 
THR C    C N N 146 
THR O    O N N 147 
THR CB   C N R 148 
THR OG1  O N N 149 
THR CG2  C N N 150 
THR OXT  O N N 151 
THR H    H N N 152 
THR H2   H N N 153 
THR HA   H N N 154 
THR HB   H N N 155 
THR HG1  H N N 156 
THR HG21 H N N 157 
THR HG22 H N N 158 
THR HG23 H N N 159 
THR HXT  H N N 160 
TYR N    N N N 161 
TYR CA   C N S 162 
TYR C    C N N 163 
TYR O    O N N 164 
TYR CB   C N N 165 
TYR CG   C Y N 166 
TYR CD1  C Y N 167 
TYR CD2  C Y N 168 
TYR CE1  C Y N 169 
TYR CE2  C Y N 170 
TYR CZ   C Y N 171 
TYR OH   O N N 172 
TYR OXT  O N N 173 
TYR H    H N N 174 
TYR H2   H N N 175 
TYR HA   H N N 176 
TYR HB2  H N N 177 
TYR HB3  H N N 178 
TYR HD1  H N N 179 
TYR HD2  H N N 180 
TYR HE1  H N N 181 
TYR HE2  H N N 182 
TYR HH   H N N 183 
TYR HXT  H N N 184 
# 
loop_
_chem_comp_bond.comp_id 
_chem_comp_bond.atom_id_1 
_chem_comp_bond.atom_id_2 
_chem_comp_bond.value_order 
_chem_comp_bond.pdbx_aromatic_flag 
_chem_comp_bond.pdbx_stereo_config 
_chem_comp_bond.pdbx_ordinal 
ASP N   CA   sing N N 1   
ASP N   H    sing N N 2   
ASP N   H2   sing N N 3   
ASP CA  C    sing N N 4   
ASP CA  CB   sing N N 5   
ASP CA  HA   sing N N 6   
ASP C   O    doub N N 7   
ASP C   OXT  sing N N 8   
ASP CB  CG   sing N N 9   
ASP CB  HB2  sing N N 10  
ASP CB  HB3  sing N N 11  
ASP CG  OD1  doub N N 12  
ASP CG  OD2  sing N N 13  
ASP OD2 HD2  sing N N 14  
ASP OXT HXT  sing N N 15  
CYS N   CA   sing N N 16  
CYS N   H    sing N N 17  
CYS N   H2   sing N N 18  
CYS CA  C    sing N N 19  
CYS CA  CB   sing N N 20  
CYS CA  HA   sing N N 21  
CYS C   O    doub N N 22  
CYS C   OXT  sing N N 23  
CYS CB  SG   sing N N 24  
CYS CB  HB2  sing N N 25  
CYS CB  HB3  sing N N 26  
CYS SG  HG   sing N N 27  
CYS OXT HXT  sing N N 28  
GLU N   CA   sing N N 29  
GLU N   H    sing N N 30  
GLU N   H2   sing N N 31  
GLU CA  C    sing N N 32  
GLU CA  CB   sing N N 33  
GLU CA  HA   sing N N 34  
GLU C   O    doub N N 35  
GLU C   OXT  sing N N 36  
GLU CB  CG   sing N N 37  
GLU CB  HB2  sing N N 38  
GLU CB  HB3  sing N N 39  
GLU CG  CD   sing N N 40  
GLU CG  HG2  sing N N 41  
GLU CG  HG3  sing N N 42  
GLU CD  OE1  doub N N 43  
GLU CD  OE2  sing N N 44  
GLU OE2 HE2  sing N N 45  
GLU OXT HXT  sing N N 46  
GLY N   CA   sing N N 47  
GLY N   H    sing N N 48  
GLY N   H2   sing N N 49  
GLY CA  C    sing N N 50  
GLY CA  HA2  sing N N 51  
GLY CA  HA3  sing N N 52  
GLY C   O    doub N N 53  
GLY C   OXT  sing N N 54  
GLY OXT HXT  sing N N 55  
ILE N   CA   sing N N 56  
ILE N   H    sing N N 57  
ILE N   H2   sing N N 58  
ILE CA  C    sing N N 59  
ILE CA  CB   sing N N 60  
ILE CA  HA   sing N N 61  
ILE C   O    doub N N 62  
ILE C   OXT  sing N N 63  
ILE CB  CG1  sing N N 64  
ILE CB  CG2  sing N N 65  
ILE CB  HB   sing N N 66  
ILE CG1 CD1  sing N N 67  
ILE CG1 HG12 sing N N 68  
ILE CG1 HG13 sing N N 69  
ILE CG2 HG21 sing N N 70  
ILE CG2 HG22 sing N N 71  
ILE CG2 HG23 sing N N 72  
ILE CD1 HD11 sing N N 73  
ILE CD1 HD12 sing N N 74  
ILE CD1 HD13 sing N N 75  
ILE OXT HXT  sing N N 76  
LEU N   CA   sing N N 77  
LEU N   H    sing N N 78  
LEU N   H2   sing N N 79  
LEU CA  C    sing N N 80  
LEU CA  CB   sing N N 81  
LEU CA  HA   sing N N 82  
LEU C   O    doub N N 83  
LEU C   OXT  sing N N 84  
LEU CB  CG   sing N N 85  
LEU CB  HB2  sing N N 86  
LEU CB  HB3  sing N N 87  
LEU CG  CD1  sing N N 88  
LEU CG  CD2  sing N N 89  
LEU CG  HG   sing N N 90  
LEU CD1 HD11 sing N N 91  
LEU CD1 HD12 sing N N 92  
LEU CD1 HD13 sing N N 93  
LEU CD2 HD21 sing N N 94  
LEU CD2 HD22 sing N N 95  
LEU CD2 HD23 sing N N 96  
LEU OXT HXT  sing N N 97  
PHE N   CA   sing N N 98  
PHE N   H    sing N N 99  
PHE N   H2   sing N N 100 
PHE CA  C    sing N N 101 
PHE CA  CB   sing N N 102 
PHE CA  HA   sing N N 103 
PHE C   O    doub N N 104 
PHE C   OXT  sing N N 105 
PHE CB  CG   sing N N 106 
PHE CB  HB2  sing N N 107 
PHE CB  HB3  sing N N 108 
PHE CG  CD1  doub Y N 109 
PHE CG  CD2  sing Y N 110 
PHE CD1 CE1  sing Y N 111 
PHE CD1 HD1  sing N N 112 
PHE CD2 CE2  doub Y N 113 
PHE CD2 HD2  sing N N 114 
PHE CE1 CZ   doub Y N 115 
PHE CE1 HE1  sing N N 116 
PHE CE2 CZ   sing Y N 117 
PHE CE2 HE2  sing N N 118 
PHE CZ  HZ   sing N N 119 
PHE OXT HXT  sing N N 120 
PRO N   CA   sing N N 121 
PRO N   CD   sing N N 122 
PRO N   H    sing N N 123 
PRO CA  C    sing N N 124 
PRO CA  CB   sing N N 125 
PRO CA  HA   sing N N 126 
PRO C   O    doub N N 127 
PRO C   OXT  sing N N 128 
PRO CB  CG   sing N N 129 
PRO CB  HB2  sing N N 130 
PRO CB  HB3  sing N N 131 
PRO CG  CD   sing N N 132 
PRO CG  HG2  sing N N 133 
PRO CG  HG3  sing N N 134 
PRO CD  HD2  sing N N 135 
PRO CD  HD3  sing N N 136 
PRO OXT HXT  sing N N 137 
THR N   CA   sing N N 138 
THR N   H    sing N N 139 
THR N   H2   sing N N 140 
THR CA  C    sing N N 141 
THR CA  CB   sing N N 142 
THR CA  HA   sing N N 143 
THR C   O    doub N N 144 
THR C   OXT  sing N N 145 
THR CB  OG1  sing N N 146 
THR CB  CG2  sing N N 147 
THR CB  HB   sing N N 148 
THR OG1 HG1  sing N N 149 
THR CG2 HG21 sing N N 150 
THR CG2 HG22 sing N N 151 
THR CG2 HG23 sing N N 152 
THR OXT HXT  sing N N 153 
TYR N   CA   sing N N 154 
TYR N   H    sing N N 155 
TYR N   H2   sing N N 156 
TYR CA  C    sing N N 157 
TYR CA  CB   sing N N 158 
TYR CA  HA   sing N N 159 
TYR C   O    doub N N 160 
TYR C   OXT  sing N N 161 
TYR CB  CG   sing N N 162 
TYR CB  HB2  sing N N 163 
TYR CB  HB3  sing N N 164 
TYR CG  CD1  doub Y N 165 
TYR CG  CD2  sing Y N 166 
TYR CD1 CE1  sing Y N 167 
TYR CD1 HD1  sing N N 168 
TYR CD2 CE2  doub Y N 169 
TYR CD2 HD2  sing N N 170 
TYR CE1 CZ   doub Y N 171 
TYR CE1 HE1  sing N N 172 
TYR CE2 CZ   sing Y N 173 
TYR CE2 HE2  sing N N 174 
TYR CZ  OH   sing N N 175 
TYR OH  HH   sing N N 176 
TYR OXT HXT  sing N N 177 
# 
_atom_sites.entry_id                    1EGT 
_atom_sites.fract_transf_matrix[1][1]   1.000000 
_atom_sites.fract_transf_matrix[1][2]   0.000000 
_atom_sites.fract_transf_matrix[1][3]   0.000000 
_atom_sites.fract_transf_matrix[2][1]   0.000000 
_atom_sites.fract_transf_matrix[2][2]   1.000000 
_atom_sites.fract_transf_matrix[2][3]   0.000000 
_atom_sites.fract_transf_matrix[3][1]   0.000000 
_atom_sites.fract_transf_matrix[3][2]   0.000000 
_atom_sites.fract_transf_matrix[3][3]   1.000000 
_atom_sites.fract_transf_vector[1]      0.00000 
_atom_sites.fract_transf_vector[2]      0.00000 
_atom_sites.fract_transf_vector[3]      0.00000 
# 
loop_
_atom_type.symbol 
C 
H 
N 
O 
S 
# 
loop_
_atom_site.group_PDB 
_atom_site.id 
_atom_site.type_symbol 
_atom_site.label_atom_id 
_atom_site.label_alt_id 
_atom_site.label_comp_id 
_atom_site.label_asym_id 
_atom_site.label_entity_id 
_atom_site.label_seq_id 
_atom_site.pdbx_PDB_ins_code 
_atom_site.Cartn_x 
_atom_site.Cartn_y 
_atom_site.Cartn_z 
_atom_site.occupancy 
_atom_site.B_iso_or_equiv 
_atom_site.pdbx_formal_charge 
_atom_site.auth_seq_id 
_atom_site.auth_comp_id 
_atom_site.auth_asym_id 
_atom_site.auth_atom_id 
_atom_site.pdbx_PDB_model_num 
ATOM 1   N N    . CYS A 1 1  ? 5.320  -2.554 -4.289  1.00 0.00 ? 1  CYS A N    1 
ATOM 2   C CA   . CYS A 1 1  ? 4.686  -1.307 -3.894  1.00 0.00 ? 1  CYS A CA   1 
ATOM 3   C C    . CYS A 1 1  ? 5.775  -0.348 -3.410  1.00 0.00 ? 1  CYS A C    1 
ATOM 4   O O    . CYS A 1 1  ? 6.754  -0.772 -2.797  1.00 0.00 ? 1  CYS A O    1 
ATOM 5   C CB   . CYS A 1 1  ? 3.609  -1.533 -2.830  1.00 0.00 ? 1  CYS A CB   1 
ATOM 6   S SG   . CYS A 1 1  ? 2.205  -2.575 -3.369  1.00 0.00 ? 1  CYS A SG   1 
ATOM 7   H H    . CYS A 1 1  ? 5.982  -2.880 -3.595  1.00 0.00 ? 1  CYS A H    1 
ATOM 8   H HA   . CYS A 1 1  ? 4.190  -0.913 -4.781  1.00 0.00 ? 1  CYS A HA   1 
ATOM 9   H HB2  . CYS A 1 1  ? 4.072  -1.993 -1.958  1.00 0.00 ? 1  CYS A HB2  1 
ATOM 10  H HB3  . CYS A 1 1  ? 3.224  -0.564 -2.513  1.00 0.00 ? 1  CYS A HB3  1 
ATOM 11  N N    . PRO A 1 2  ? 5.561  0.962  -3.709  1.00 0.00 ? 2  PRO A N    1 
ATOM 12  C CA   . PRO A 1 2  ? 6.513  1.985  -3.311  1.00 0.00 ? 2  PRO A CA   1 
ATOM 13  C C    . PRO A 1 2  ? 6.411  2.275  -1.812  1.00 0.00 ? 2  PRO A C    1 
ATOM 14  O O    . PRO A 1 2  ? 5.457  1.855  -1.159  1.00 0.00 ? 2  PRO A O    1 
ATOM 15  C CB   . PRO A 1 2  ? 6.179  3.190  -4.174  1.00 0.00 ? 2  PRO A CB   1 
ATOM 16  C CG   . PRO A 1 2  ? 4.768  2.957  -4.688  1.00 0.00 ? 2  PRO A CG   1 
ATOM 17  C CD   . PRO A 1 2  ? 4.414  1.501  -4.432  1.00 0.00 ? 2  PRO A CD   1 
ATOM 18  H HA   . PRO A 1 2  ? 7.532  1.638  -3.485  1.00 0.00 ? 2  PRO A HA   1 
ATOM 19  H HB2  . PRO A 1 2  ? 6.236  4.113  -3.596  1.00 0.00 ? 2  PRO A HB2  1 
ATOM 20  H HB3  . PRO A 1 2  ? 6.883  3.288  -4.999  1.00 0.00 ? 2  PRO A HB3  1 
ATOM 21  H HG2  . PRO A 1 2  ? 4.062  3.615  -4.180  1.00 0.00 ? 2  PRO A HG2  1 
ATOM 22  H HG3  . PRO A 1 2  ? 4.706  3.183  -5.751  1.00 0.00 ? 2  PRO A HG3  1 
ATOM 23  H HD2  . PRO A 1 2  ? 3.499  1.412  -3.846  1.00 0.00 ? 2  PRO A HD2  1 
ATOM 24  H HD3  . PRO A 1 2  ? 4.247  0.964  -5.366  1.00 0.00 ? 2  PRO A HD3  1 
ATOM 25  N N    . GLU A 1 3  ? 7.407  2.992  -1.311  1.00 0.00 ? 3  GLU A N    1 
ATOM 26  C CA   . GLU A 1 3  ? 7.440  3.344  0.098   1.00 0.00 ? 3  GLU A CA   1 
ATOM 27  C C    . GLU A 1 3  ? 6.186  4.135  0.478   1.00 0.00 ? 3  GLU A C    1 
ATOM 28  O O    . GLU A 1 3  ? 5.839  5.111  -0.183  1.00 0.00 ? 3  GLU A O    1 
ATOM 29  C CB   . GLU A 1 3  ? 8.707  4.131  0.436   1.00 0.00 ? 3  GLU A CB   1 
ATOM 30  C CG   . GLU A 1 3  ? 9.958  3.273  0.231   1.00 0.00 ? 3  GLU A CG   1 
ATOM 31  C CD   . GLU A 1 3  ? 10.678 3.656  -1.063  1.00 0.00 ? 3  GLU A CD   1 
ATOM 32  O OE1  . GLU A 1 3  ? 10.062 3.465  -2.133  1.00 0.00 ? 3  GLU A OE1  1 
ATOM 33  O OE2  . GLU A 1 3  ? 11.830 4.129  -0.952  1.00 0.00 ? 3  GLU A OE2  1 
ATOM 34  H H    . GLU A 1 3  ? 8.177  3.330  -1.850  1.00 0.00 ? 3  GLU A H    1 
ATOM 35  H HA   . GLU A 1 3  ? 7.455  2.395  0.633   1.00 0.00 ? 3  GLU A HA   1 
ATOM 36  H HB2  . GLU A 1 3  ? 8.766  5.021  -0.191  1.00 0.00 ? 3  GLU A HB2  1 
ATOM 37  H HB3  . GLU A 1 3  ? 8.662  4.472  1.471   1.00 0.00 ? 3  GLU A HB3  1 
ATOM 38  H HG2  . GLU A 1 3  ? 10.631 3.398  1.078   1.00 0.00 ? 3  GLU A HG2  1 
ATOM 39  H HG3  . GLU A 1 3  ? 9.678  2.220  0.198   1.00 0.00 ? 3  GLU A HG3  1 
ATOM 40  N N    . GLY A 1 4  ? 5.540  3.681  1.543   1.00 0.00 ? 4  GLY A N    1 
ATOM 41  C CA   . GLY A 1 4  ? 4.332  4.333  2.019   1.00 0.00 ? 4  GLY A CA   1 
ATOM 42  C C    . GLY A 1 4  ? 3.084  3.577  1.559   1.00 0.00 ? 4  GLY A C    1 
ATOM 43  O O    . GLY A 1 4  ? 1.969  3.921  1.947   1.00 0.00 ? 4  GLY A O    1 
ATOM 44  H H    . GLY A 1 4  ? 5.830  2.886  2.076   1.00 0.00 ? 4  GLY A H    1 
ATOM 45  H HA2  . GLY A 1 4  ? 4.349  4.387  3.108   1.00 0.00 ? 4  GLY A HA2  1 
ATOM 46  H HA3  . GLY A 1 4  ? 4.299  5.358  1.650   1.00 0.00 ? 4  GLY A HA3  1 
ATOM 47  N N    . TYR A 1 5  ? 3.314  2.562  0.740   1.00 0.00 ? 5  TYR A N    1 
ATOM 48  C CA   . TYR A 1 5  ? 2.222  1.754  0.224   1.00 0.00 ? 5  TYR A CA   1 
ATOM 49  C C    . TYR A 1 5  ? 2.466  0.267  0.489   1.00 0.00 ? 5  TYR A C    1 
ATOM 50  O O    . TYR A 1 5  ? 3.609  -0.185 0.496   1.00 0.00 ? 5  TYR A O    1 
ATOM 51  C CB   . TYR A 1 5  ? 2.198  1.994  -1.286  1.00 0.00 ? 5  TYR A CB   1 
ATOM 52  C CG   . TYR A 1 5  ? 1.393  3.225  -1.709  1.00 0.00 ? 5  TYR A CG   1 
ATOM 53  C CD1  . TYR A 1 5  ? 1.993  4.467  -1.736  1.00 0.00 ? 5  TYR A CD1  1 
ATOM 54  C CD2  . TYR A 1 5  ? 0.065  3.093  -2.062  1.00 0.00 ? 5  TYR A CD2  1 
ATOM 55  C CE1  . TYR A 1 5  ? 1.235  5.625  -2.133  1.00 0.00 ? 5  TYR A CE1  1 
ATOM 56  C CE2  . TYR A 1 5  ? -0.694 4.251  -2.460  1.00 0.00 ? 5  TYR A CE2  1 
ATOM 57  C CZ   . TYR A 1 5  ? -0.071 5.460  -2.476  1.00 0.00 ? 5  TYR A CZ   1 
ATOM 58  O OH   . TYR A 1 5  ? -0.786 6.553  -2.851  1.00 0.00 ? 5  TYR A OH   1 
ATOM 59  H H    . TYR A 1 5  ? 4.225  2.289  0.431   1.00 0.00 ? 5  TYR A H    1 
ATOM 60  H HA   . TYR A 1 5  ? 1.307  2.061  0.733   1.00 0.00 ? 5  TYR A HA   1 
ATOM 61  H HB2  . TYR A 1 5  ? 3.222  2.104  -1.644  1.00 0.00 ? 5  TYR A HB2  1 
ATOM 62  H HB3  . TYR A 1 5  ? 1.782  1.114  -1.777  1.00 0.00 ? 5  TYR A HB3  1 
ATOM 63  H HD1  . TYR A 1 5  ? 3.041  4.572  -1.456  1.00 0.00 ? 5  TYR A HD1  1 
ATOM 64  H HD2  . TYR A 1 5  ? -0.410 2.112  -2.042  1.00 0.00 ? 5  TYR A HD2  1 
ATOM 65  H HE1  . TYR A 1 5  ? 1.697  6.612  -2.159  1.00 0.00 ? 5  TYR A HE1  1 
ATOM 66  H HE2  . TYR A 1 5  ? -1.742 4.160  -2.742  1.00 0.00 ? 5  TYR A HE2  1 
ATOM 67  H HH   . TYR A 1 5  ? -0.926 7.157  -2.067  1.00 0.00 ? 5  TYR A HH   1 
ATOM 68  N N    . ILE A 1 6  ? 1.372  -0.450 0.701   1.00 0.00 ? 6  ILE A N    1 
ATOM 69  C CA   . ILE A 1 6  ? 1.453  -1.877 0.966   1.00 0.00 ? 6  ILE A CA   1 
ATOM 70  C C    . ILE A 1 6  ? 0.301  -2.590 0.253   1.00 0.00 ? 6  ILE A C    1 
ATOM 71  O O    . ILE A 1 6  ? -0.701 -1.965 -0.091  1.00 0.00 ? 6  ILE A O    1 
ATOM 72  C CB   . ILE A 1 6  ? 1.503  -2.141 2.471   1.00 0.00 ? 6  ILE A CB   1 
ATOM 73  C CG1  . ILE A 1 6  ? 0.183  -1.751 3.139   1.00 0.00 ? 6  ILE A CG1  1 
ATOM 74  C CG2  . ILE A 1 6  ? 2.700  -1.436 3.113   1.00 0.00 ? 6  ILE A CG2  1 
ATOM 75  C CD1  . ILE A 1 6  ? -0.825 -2.900 3.074   1.00 0.00 ? 6  ILE A CD1  1 
ATOM 76  H H    . ILE A 1 6  ? 0.446  -0.074 0.694   1.00 0.00 ? 6  ILE A H    1 
ATOM 77  H HA   . ILE A 1 6  ? 2.394  -2.234 0.545   1.00 0.00 ? 6  ILE A HA   1 
ATOM 78  H HB   . ILE A 1 6  ? 1.638  -3.211 2.626   1.00 0.00 ? 6  ILE A HB   1 
ATOM 79  H HG12 . ILE A 1 6  ? 0.363  -1.480 4.180   1.00 0.00 ? 6  ILE A HG12 1 
ATOM 80  H HG13 . ILE A 1 6  ? -0.232 -0.871 2.648   1.00 0.00 ? 6  ILE A HG13 1 
ATOM 81  H HG21 . ILE A 1 6  ? 3.606  -1.684 2.560   1.00 0.00 ? 6  ILE A HG21 1 
ATOM 82  H HG22 . ILE A 1 6  ? 2.542  -0.358 3.088   1.00 0.00 ? 6  ILE A HG22 1 
ATOM 83  H HG23 . ILE A 1 6  ? 2.803  -1.764 4.147   1.00 0.00 ? 6  ILE A HG23 1 
ATOM 84  H HD11 . ILE A 1 6  ? -0.292 -3.847 2.995   1.00 0.00 ? 6  ILE A HD11 1 
ATOM 85  H HD12 . ILE A 1 6  ? -1.436 -2.900 3.977   1.00 0.00 ? 6  ILE A HD12 1 
ATOM 86  H HD13 . ILE A 1 6  ? -1.468 -2.771 2.203   1.00 0.00 ? 6  ILE A HD13 1 
ATOM 87  N N    . LEU A 1 7  ? 0.483  -3.887 0.054   1.00 0.00 ? 7  LEU A N    1 
ATOM 88  C CA   . LEU A 1 7  ? -0.529 -4.691 -0.610  1.00 0.00 ? 7  LEU A CA   1 
ATOM 89  C C    . LEU A 1 7  ? -1.534 -5.195 0.427   1.00 0.00 ? 7  LEU A C    1 
ATOM 90  O O    . LEU A 1 7  ? -1.152 -5.816 1.417   1.00 0.00 ? 7  LEU A O    1 
ATOM 91  C CB   . LEU A 1 7  ? 0.126  -5.807 -1.427  1.00 0.00 ? 7  LEU A CB   1 
ATOM 92  C CG   . LEU A 1 7  ? -0.527 -6.124 -2.773  1.00 0.00 ? 7  LEU A CG   1 
ATOM 93  C CD1  . LEU A 1 7  ? -0.088 -5.124 -3.845  1.00 0.00 ? 7  LEU A CD1  1 
ATOM 94  C CD2  . LEU A 1 7  ? -0.252 -7.570 -3.190  1.00 0.00 ? 7  LEU A CD2  1 
ATOM 95  H H    . LEU A 1 7  ? 1.301  -4.387 0.338   1.00 0.00 ? 7  LEU A H    1 
ATOM 96  H HA   . LEU A 1 7  ? -1.052 -4.042 -1.312  1.00 0.00 ? 7  LEU A HA   1 
ATOM 97  H HB2  . LEU A 1 7  ? 1.167  -5.538 -1.605  1.00 0.00 ? 7  LEU A HB2  1 
ATOM 98  H HB3  . LEU A 1 7  ? 0.131  -6.716 -0.824  1.00 0.00 ? 7  LEU A HB3  1 
ATOM 99  H HG   . LEU A 1 7  ? -1.607 -6.022 -2.661  1.00 0.00 ? 7  LEU A HG   1 
ATOM 100 H HD11 . LEU A 1 7  ? -0.248 -4.110 -3.482  1.00 0.00 ? 7  LEU A HD11 1 
ATOM 101 H HD12 . LEU A 1 7  ? 0.971  -5.270 -4.064  1.00 0.00 ? 7  LEU A HD12 1 
ATOM 102 H HD13 . LEU A 1 7  ? -0.672 -5.283 -4.751  1.00 0.00 ? 7  LEU A HD13 1 
ATOM 103 H HD21 . LEU A 1 7  ? 0.814  -7.779 -3.090  1.00 0.00 ? 7  LEU A HD21 1 
ATOM 104 H HD22 . LEU A 1 7  ? -0.816 -8.247 -2.549  1.00 0.00 ? 7  LEU A HD22 1 
ATOM 105 H HD23 . LEU A 1 7  ? -0.554 -7.713 -4.227  1.00 0.00 ? 7  LEU A HD23 1 
ATOM 106 N N    . ASP A 1 8  ? -2.802 -4.910 0.163   1.00 0.00 ? 8  ASP A N    1 
ATOM 107 C CA   . ASP A 1 8  ? -3.865 -5.328 1.060   1.00 0.00 ? 8  ASP A CA   1 
ATOM 108 C C    . ASP A 1 8  ? -4.850 -6.217 0.298   1.00 0.00 ? 8  ASP A C    1 
ATOM 109 O O    . ASP A 1 8  ? -4.874 -7.431 0.494   1.00 0.00 ? 8  ASP A O    1 
ATOM 110 C CB   . ASP A 1 8  ? -4.636 -4.120 1.598   1.00 0.00 ? 8  ASP A CB   1 
ATOM 111 C CG   . ASP A 1 8  ? -4.117 -3.559 2.923   1.00 0.00 ? 8  ASP A CG   1 
ATOM 112 O OD1  . ASP A 1 8  ? -3.901 -4.380 3.841   1.00 0.00 ? 8  ASP A OD1  1 
ATOM 113 O OD2  . ASP A 1 8  ? -3.948 -2.322 2.988   1.00 0.00 ? 8  ASP A OD2  1 
ATOM 114 H H    . ASP A 1 8  ? -3.103 -4.405 -0.646  1.00 0.00 ? 8  ASP A H    1 
ATOM 115 H HA   . ASP A 1 8  ? -3.365 -5.858 1.870   1.00 0.00 ? 8  ASP A HA   1 
ATOM 116 H HB2  . ASP A 1 8  ? -4.610 -3.329 0.850   1.00 0.00 ? 8  ASP A HB2  1 
ATOM 117 H HB3  . ASP A 1 8  ? -5.682 -4.404 1.725   1.00 0.00 ? 8  ASP A HB3  1 
ATOM 118 N N    . ASP A 1 9  ? -5.636 -5.578 -0.555  1.00 0.00 ? 9  ASP A N    1 
ATOM 119 C CA   . ASP A 1 9  ? -6.621 -6.296 -1.347  1.00 0.00 ? 9  ASP A CA   1 
ATOM 120 C C    . ASP A 1 9  ? -6.088 -6.478 -2.770  1.00 0.00 ? 9  ASP A C    1 
ATOM 121 O O    . ASP A 1 9  ? -6.755 -6.115 -3.738  1.00 0.00 ? 9  ASP A O    1 
ATOM 122 C CB   . ASP A 1 9  ? -7.935 -5.517 -1.430  1.00 0.00 ? 9  ASP A CB   1 
ATOM 123 C CG   . ASP A 1 9  ? -7.816 -4.107 -2.013  1.00 0.00 ? 9  ASP A CG   1 
ATOM 124 O OD1  . ASP A 1 9  ? -6.801 -3.448 -1.701  1.00 0.00 ? 9  ASP A OD1  1 
ATOM 125 O OD2  . ASP A 1 9  ? -8.743 -3.722 -2.758  1.00 0.00 ? 9  ASP A OD2  1 
ATOM 126 H H    . ASP A 1 9  ? -5.610 -4.590 -0.708  1.00 0.00 ? 9  ASP A H    1 
ATOM 127 H HA   . ASP A 1 9  ? -6.766 -7.244 -0.831  1.00 0.00 ? 9  ASP A HA   1 
ATOM 128 H HB2  . ASP A 1 9  ? -8.639 -6.087 -2.036  1.00 0.00 ? 9  ASP A HB2  1 
ATOM 129 H HB3  . ASP A 1 9  ? -8.362 -5.446 -0.429  1.00 0.00 ? 9  ASP A HB3  1 
ATOM 130 N N    . GLY A 1 10 ? -4.892 -7.042 -2.853  1.00 0.00 ? 10 GLY A N    1 
ATOM 131 C CA   . GLY A 1 10 ? -4.262 -7.278 -4.141  1.00 0.00 ? 10 GLY A CA   1 
ATOM 132 C C    . GLY A 1 10 ? -3.979 -5.958 -4.861  1.00 0.00 ? 10 GLY A C    1 
ATOM 133 O O    . GLY A 1 10 ? -3.899 -5.922 -6.088  1.00 0.00 ? 10 GLY A O    1 
ATOM 134 H H    . GLY A 1 10 ? -4.356 -7.335 -2.060  1.00 0.00 ? 10 GLY A H    1 
ATOM 135 H HA2  . GLY A 1 10 ? -3.331 -7.827 -3.999  1.00 0.00 ? 10 GLY A HA2  1 
ATOM 136 H HA3  . GLY A 1 10 ? -4.910 -7.901 -4.757  1.00 0.00 ? 10 GLY A HA3  1 
ATOM 137 N N    . PHE A 1 11 ? -3.835 -4.907 -4.068  1.00 0.00 ? 11 PHE A N    1 
ATOM 138 C CA   . PHE A 1 11 ? -3.561 -3.589 -4.615  1.00 0.00 ? 11 PHE A CA   1 
ATOM 139 C C    . PHE A 1 11 ? -2.717 -2.758 -3.648  1.00 0.00 ? 11 PHE A C    1 
ATOM 140 O O    . PHE A 1 11 ? -2.826 -2.912 -2.433  1.00 0.00 ? 11 PHE A O    1 
ATOM 141 C CB   . PHE A 1 11 ? -4.913 -2.900 -4.816  1.00 0.00 ? 11 PHE A CB   1 
ATOM 142 C CG   . PHE A 1 11 ? -5.640 -3.317 -6.096  1.00 0.00 ? 11 PHE A CG   1 
ATOM 143 C CD1  . PHE A 1 11 ? -5.058 -3.111 -7.307  1.00 0.00 ? 11 PHE A CD1  1 
ATOM 144 C CD2  . PHE A 1 11 ? -6.869 -3.893 -6.021  1.00 0.00 ? 11 PHE A CD2  1 
ATOM 145 C CE1  . PHE A 1 11 ? -5.733 -3.498 -8.495  1.00 0.00 ? 11 PHE A CE1  1 
ATOM 146 C CE2  . PHE A 1 11 ? -7.545 -4.280 -7.209  1.00 0.00 ? 11 PHE A CE2  1 
ATOM 147 C CZ   . PHE A 1 11 ? -6.963 -4.075 -8.420  1.00 0.00 ? 11 PHE A CZ   1 
ATOM 148 H H    . PHE A 1 11 ? -3.901 -4.945 -3.071  1.00 0.00 ? 11 PHE A H    1 
ATOM 149 H HA   . PHE A 1 11 ? -3.010 -3.732 -5.545  1.00 0.00 ? 11 PHE A HA   1 
ATOM 150 H HB2  . PHE A 1 11 ? -5.551 -3.117 -3.960  1.00 0.00 ? 11 PHE A HB2  1 
ATOM 151 H HB3  . PHE A 1 11 ? -4.759 -1.821 -4.833  1.00 0.00 ? 11 PHE A HB3  1 
ATOM 152 H HD1  . PHE A 1 11 ? -4.073 -2.648 -7.367  1.00 0.00 ? 11 PHE A HD1  1 
ATOM 153 H HD2  . PHE A 1 11 ? -7.336 -4.059 -5.050  1.00 0.00 ? 11 PHE A HD2  1 
ATOM 154 H HE1  . PHE A 1 11 ? -5.267 -3.333 -9.466  1.00 0.00 ? 11 PHE A HE1  1 
ATOM 155 H HE2  . PHE A 1 11 ? -8.530 -4.743 -7.150  1.00 0.00 ? 11 PHE A HE2  1 
ATOM 156 H HZ   . PHE A 1 11 ? -7.481 -4.373 -9.332  1.00 0.00 ? 11 PHE A HZ   1 
ATOM 157 N N    . CYS A 1 12 ? -1.894 -1.894 -4.224  1.00 0.00 ? 12 CYS A N    1 
ATOM 158 C CA   . CYS A 1 12 ? -1.031 -1.038 -3.428  1.00 0.00 ? 12 CYS A CA   1 
ATOM 159 C C    . CYS A 1 12 ? -1.888 0.068  -2.810  1.00 0.00 ? 12 CYS A C    1 
ATOM 160 O O    . CYS A 1 12 ? -2.319 0.987  -3.507  1.00 0.00 ? 12 CYS A O    1 
ATOM 161 C CB   . CYS A 1 12 ? 0.124  -0.470 -4.256  1.00 0.00 ? 12 CYS A CB   1 
ATOM 162 S SG   . CYS A 1 12 ? 1.254  -1.726 -4.959  1.00 0.00 ? 12 CYS A SG   1 
ATOM 163 H H    . CYS A 1 12 ? -1.811 -1.774 -5.213  1.00 0.00 ? 12 CYS A H    1 
ATOM 164 H HA   . CYS A 1 12 ? -0.594 -1.667 -2.652  1.00 0.00 ? 12 CYS A HA   1 
ATOM 165 H HB2  . CYS A 1 12 ? -0.291 0.123  -5.072  1.00 0.00 ? 12 CYS A HB2  1 
ATOM 166 H HB3  . CYS A 1 12 ? 0.702  0.209  -3.630  1.00 0.00 ? 12 CYS A HB3  1 
ATOM 167 N N    . THR A 1 13 ? -2.112 -0.056 -1.510  1.00 0.00 ? 13 THR A N    1 
ATOM 168 C CA   . THR A 1 13 ? -2.911 0.923  -0.791  1.00 0.00 ? 13 THR A CA   1 
ATOM 169 C C    . THR A 1 13 ? -2.007 1.879  -0.010  1.00 0.00 ? 13 THR A C    1 
ATOM 170 O O    . THR A 1 13 ? -0.967 1.473  0.507   1.00 0.00 ? 13 THR A O    1 
ATOM 171 C CB   . THR A 1 13 ? -3.902 0.166  0.093   1.00 0.00 ? 13 THR A CB   1 
ATOM 172 O OG1  . THR A 1 13 ? -3.089 -0.748 0.824   1.00 0.00 ? 13 THR A OG1  1 
ATOM 173 C CG2  . THR A 1 13 ? -4.839 -0.735 -0.716  1.00 0.00 ? 13 THR A CG2  1 
ATOM 174 H H    . THR A 1 13 ? -1.758 -0.805 -0.951  1.00 0.00 ? 13 THR A H    1 
ATOM 175 H HA   . THR A 1 13 ? -3.456 1.523  -1.519  1.00 0.00 ? 13 THR A HA   1 
ATOM 176 H HB   . THR A 1 13 ? -4.470 0.853  0.720   1.00 0.00 ? 13 THR A HB   1 
ATOM 177 H HG1  . THR A 1 13 ? -3.586 -1.085 1.623   1.00 0.00 ? 13 THR A HG1  1 
ATOM 178 H HG21 . THR A 1 13 ? -5.100 -0.240 -1.652  1.00 0.00 ? 13 THR A HG21 1 
ATOM 179 H HG22 . THR A 1 13 ? -4.339 -1.680 -0.930  1.00 0.00 ? 13 THR A HG22 1 
ATOM 180 H HG23 . THR A 1 13 ? -5.746 -0.926 -0.141  1.00 0.00 ? 13 THR A HG23 1 
ATOM 181 N N    . ASP A 1 14 ? -2.436 3.131  0.052   1.00 0.00 ? 14 ASP A N    1 
ATOM 182 C CA   . ASP A 1 14 ? -1.679 4.147  0.762   1.00 0.00 ? 14 ASP A CA   1 
ATOM 183 C C    . ASP A 1 14 ? -1.892 3.978  2.267   1.00 0.00 ? 14 ASP A C    1 
ATOM 184 O O    . ASP A 1 14 ? -3.028 3.931  2.735   1.00 0.00 ? 14 ASP A O    1 
ATOM 185 C CB   . ASP A 1 14 ? -2.145 5.553  0.374   1.00 0.00 ? 14 ASP A CB   1 
ATOM 186 C CG   . ASP A 1 14 ? -1.151 6.673  0.686   1.00 0.00 ? 14 ASP A CG   1 
ATOM 187 O OD1  . ASP A 1 14 ? -0.664 6.695  1.837   1.00 0.00 ? 14 ASP A OD1  1 
ATOM 188 O OD2  . ASP A 1 14 ? -0.900 7.481  -0.234  1.00 0.00 ? 14 ASP A OD2  1 
ATOM 189 H H    . ASP A 1 14 ? -3.284 3.452  -0.371  1.00 0.00 ? 14 ASP A H    1 
ATOM 190 H HA   . ASP A 1 14 ? -0.642 3.990  0.467   1.00 0.00 ? 14 ASP A HA   1 
ATOM 191 H HB2  . ASP A 1 14 ? -2.361 5.565  -0.694  1.00 0.00 ? 14 ASP A HB2  1 
ATOM 192 H HB3  . ASP A 1 14 ? -3.082 5.764  0.890   1.00 0.00 ? 14 ASP A HB3  1 
ATOM 193 N N    . ILE A 1 15 ? -0.781 3.890  2.984   1.00 0.00 ? 15 ILE A N    1 
ATOM 194 C CA   . ILE A 1 15 ? -0.832 3.726  4.426   1.00 0.00 ? 15 ILE A CA   1 
ATOM 195 C C    . ILE A 1 15 ? 0.224  4.624  5.075   1.00 0.00 ? 15 ILE A C    1 
ATOM 196 O O    . ILE A 1 15 ? 0.772  4.286  6.122   1.00 0.00 ? 15 ILE A O    1 
ATOM 197 C CB   . ILE A 1 15 ? -0.697 2.249  4.803   1.00 0.00 ? 15 ILE A CB   1 
ATOM 198 C CG1  . ILE A 1 15 ? 0.729  1.749  4.563   1.00 0.00 ? 15 ILE A CG1  1 
ATOM 199 C CG2  . ILE A 1 15 ? -1.734 1.399  4.067   1.00 0.00 ? 15 ILE A CG2  1 
ATOM 200 C CD1  . ILE A 1 15 ? 1.326  1.158  5.842   1.00 0.00 ? 15 ILE A CD1  1 
ATOM 201 H H    . ILE A 1 15 ? 0.139  3.928  2.595   1.00 0.00 ? 15 ILE A H    1 
ATOM 202 H HA   . ILE A 1 15 ? -1.816 4.055  4.758   1.00 0.00 ? 15 ILE A HA   1 
ATOM 203 H HB   . ILE A 1 15 ? -0.898 2.149  5.870   1.00 0.00 ? 15 ILE A HB   1 
ATOM 204 H HG12 . ILE A 1 15 ? 0.726  0.994  3.776   1.00 0.00 ? 15 ILE A HG12 1 
ATOM 205 H HG13 . ILE A 1 15 ? 1.352  2.572  4.213   1.00 0.00 ? 15 ILE A HG13 1 
ATOM 206 H HG21 . ILE A 1 15 ? -2.727 1.822  4.221   1.00 0.00 ? 15 ILE A HG21 1 
ATOM 207 H HG22 . ILE A 1 15 ? -1.506 1.389  3.001   1.00 0.00 ? 15 ILE A HG22 1 
ATOM 208 H HG23 . ILE A 1 15 ? -1.709 0.380  4.453   1.00 0.00 ? 15 ILE A HG23 1 
ATOM 209 H HD11 . ILE A 1 15 ? 0.700  0.335  6.187   1.00 0.00 ? 15 ILE A HD11 1 
ATOM 210 H HD12 . ILE A 1 15 ? 2.331  0.790  5.637   1.00 0.00 ? 15 ILE A HD12 1 
ATOM 211 H HD13 . ILE A 1 15 ? 1.371  1.929  6.611   1.00 0.00 ? 15 ILE A HD13 1 
ATOM 212 N N    . ASP A 1 16 ? 0.476  5.751  4.425   1.00 0.00 ? 16 ASP A N    1 
ATOM 213 C CA   . ASP A 1 16 ? 1.456  6.700  4.925   1.00 0.00 ? 16 ASP A CA   1 
ATOM 214 C C    . ASP A 1 16 ? 0.866  7.454  6.118   1.00 0.00 ? 16 ASP A C    1 
ATOM 215 O O    . ASP A 1 16 ? 0.153  8.441  5.943   1.00 0.00 ? 16 ASP A O    1 
ATOM 216 C CB   . ASP A 1 16 ? 1.825  7.728  3.852   1.00 0.00 ? 16 ASP A CB   1 
ATOM 217 C CG   . ASP A 1 16 ? 2.984  8.656  4.218   1.00 0.00 ? 16 ASP A CG   1 
ATOM 218 O OD1  . ASP A 1 16 ? 4.079  8.116  4.490   1.00 0.00 ? 16 ASP A OD1  1 
ATOM 219 O OD2  . ASP A 1 16 ? 2.751  9.884  4.216   1.00 0.00 ? 16 ASP A OD2  1 
ATOM 220 H H    . ASP A 1 16 ? 0.024  6.018  3.573   1.00 0.00 ? 16 ASP A H    1 
ATOM 221 H HA   . ASP A 1 16 ? 2.323  6.100  5.198   1.00 0.00 ? 16 ASP A HA   1 
ATOM 222 H HB2  . ASP A 1 16 ? 2.078  7.197  2.935   1.00 0.00 ? 16 ASP A HB2  1 
ATOM 223 H HB3  . ASP A 1 16 ? 0.946  8.336  3.637   1.00 0.00 ? 16 ASP A HB3  1 
ATOM 224 N N    . GLU A 1 17 ? 1.186  6.961  7.305   1.00 0.00 ? 17 GLU A N    1 
ATOM 225 C CA   . GLU A 1 17 ? 0.697  7.575  8.528   1.00 0.00 ? 17 GLU A CA   1 
ATOM 226 C C    . GLU A 1 17 ? 1.818  7.659  9.566   1.00 0.00 ? 17 GLU A C    1 
ATOM 227 O O    . GLU A 1 17 ? 1.845  8.677  10.291  1.00 0.00 ? 17 GLU A O    1 
ATOM 228 C CB   . GLU A 1 17 ? -0.507 6.811  9.083   1.00 0.00 ? 17 GLU A CB   1 
ATOM 229 C CG   . GLU A 1 17 ? -1.723 6.963  8.167   1.00 0.00 ? 17 GLU A CG   1 
ATOM 230 C CD   . GLU A 1 17 ? -2.983 6.404  8.831   1.00 0.00 ? 17 GLU A CD   1 
ATOM 231 O OE1  . GLU A 1 17 ? -3.196 5.179  8.702   1.00 0.00 ? 17 GLU A OE1  1 
ATOM 232 O OE2  . GLU A 1 17 ? -3.704 7.214  9.453   1.00 0.00 ? 17 GLU A OE2  1 
ATOM 233 O OXT  . GLU A 1 17 ? 2.625  6.700  9.609   1.00 0.00 ? 17 GLU A OXT  1 
ATOM 234 H H    . GLU A 1 17 ? 1.767  6.158  7.439   1.00 0.00 ? 17 GLU A H    1 
ATOM 235 H HA   . GLU A 1 17 ? 0.382  8.579  8.242   1.00 0.00 ? 17 GLU A HA   1 
ATOM 236 H HB2  . GLU A 1 17 ? -0.255 5.755  9.186   1.00 0.00 ? 17 GLU A HB2  1 
ATOM 237 H HB3  . GLU A 1 17 ? -0.749 7.179  10.080  1.00 0.00 ? 17 GLU A HB3  1 
ATOM 238 H HG2  . GLU A 1 17 ? -1.871 8.017  7.927   1.00 0.00 ? 17 GLU A HG2  1 
ATOM 239 H HG3  . GLU A 1 17 ? -1.542 6.444  7.227   1.00 0.00 ? 17 GLU A HG3  1 
ATOM 240 N N    . CYS A 1 1  ? 5.340  -2.295 -4.338  1.00 0.00 ? 1  CYS A N    2 
ATOM 241 C CA   . CYS A 1 1  ? 4.666  -1.088 -3.891  1.00 0.00 ? 1  CYS A CA   2 
ATOM 242 C C    . CYS A 1 1  ? 5.731  -0.061 -3.499  1.00 0.00 ? 1  CYS A C    2 
ATOM 243 O O    . CYS A 1 1  ? 6.805  -0.426 -3.025  1.00 0.00 ? 1  CYS A O    2 
ATOM 244 C CB   . CYS A 1 1  ? 3.697  -1.371 -2.742  1.00 0.00 ? 1  CYS A CB   2 
ATOM 245 S SG   . CYS A 1 1  ? 2.451  -2.666 -3.090  1.00 0.00 ? 1  CYS A SG   2 
ATOM 246 H H    . CYS A 1 1  ? 6.241  -2.095 -4.755  1.00 0.00 ? 1  CYS A H    2 
ATOM 247 H HA   . CYS A 1 1  ? 4.074  -0.729 -4.734  1.00 0.00 ? 1  CYS A HA   2 
ATOM 248 H HB2  . CYS A 1 1  ? 4.274  -1.668 -1.865  1.00 0.00 ? 1  CYS A HB2  2 
ATOM 249 H HB3  . CYS A 1 1  ? 3.179  -0.448 -2.484  1.00 0.00 ? 1  CYS A HB3  2 
ATOM 250 N N    . PRO A 1 2  ? 5.386  1.237  -3.718  1.00 0.00 ? 2  PRO A N    2 
ATOM 251 C CA   . PRO A 1 2  ? 6.300  2.319  -3.394  1.00 0.00 ? 2  PRO A CA   2 
ATOM 252 C C    . PRO A 1 2  ? 6.357  2.552  -1.883  1.00 0.00 ? 2  PRO A C    2 
ATOM 253 O O    . PRO A 1 2  ? 5.497  2.078  -1.144  1.00 0.00 ? 2  PRO A O    2 
ATOM 254 C CB   . PRO A 1 2  ? 5.775  3.520  -4.162  1.00 0.00 ? 2  PRO A CB   2 
ATOM 255 C CG   . PRO A 1 2  ? 4.334  3.193  -4.515  1.00 0.00 ? 2  PRO A CG   2 
ATOM 256 C CD   . PRO A 1 2  ? 4.123  1.707  -4.279  1.00 0.00 ? 2  PRO A CD   2 
ATOM 257 H HA   . PRO A 1 2  ? 7.314  2.058  -3.700  1.00 0.00 ? 2  PRO A HA   2 
ATOM 258 H HB2  . PRO A 1 2  ? 5.833  4.427  -3.557  1.00 0.00 ? 2  PRO A HB2  2 
ATOM 259 H HB3  . PRO A 1 2  ? 6.366  3.700  -5.060  1.00 0.00 ? 2  PRO A HB3  2 
ATOM 260 H HG2  . PRO A 1 2  ? 3.648  3.777  -3.902  1.00 0.00 ? 2  PRO A HG2  2 
ATOM 261 H HG3  . PRO A 1 2  ? 4.128  3.447  -5.553  1.00 0.00 ? 2  PRO A HG3  2 
ATOM 262 H HD2  . PRO A 1 2  ? 3.295  1.527  -3.593  1.00 0.00 ? 2  PRO A HD2  2 
ATOM 263 H HD3  . PRO A 1 2  ? 3.885  1.189  -5.207  1.00 0.00 ? 2  PRO A HD3  2 
ATOM 264 N N    . GLU A 1 3  ? 7.383  3.283  -1.468  1.00 0.00 ? 3  GLU A N    2 
ATOM 265 C CA   . GLU A 1 3  ? 7.564  3.586  -0.058  1.00 0.00 ? 3  GLU A CA   2 
ATOM 266 C C    . GLU A 1 3  ? 6.365  4.375  0.473   1.00 0.00 ? 3  GLU A C    2 
ATOM 267 O O    . GLU A 1 3  ? 6.039  5.441  -0.047  1.00 0.00 ? 3  GLU A O    2 
ATOM 268 C CB   . GLU A 1 3  ? 8.869  4.349  0.175   1.00 0.00 ? 3  GLU A CB   2 
ATOM 269 C CG   . GLU A 1 3  ? 10.075 3.410  0.089   1.00 0.00 ? 3  GLU A CG   2 
ATOM 270 C CD   . GLU A 1 3  ? 11.384 4.202  0.052   1.00 0.00 ? 3  GLU A CD   2 
ATOM 271 O OE1  . GLU A 1 3  ? 11.813 4.537  -1.072  1.00 0.00 ? 3  GLU A OE1  2 
ATOM 272 O OE2  . GLU A 1 3  ? 11.926 4.453  1.150   1.00 0.00 ? 3  GLU A OE2  2 
ATOM 273 H H    . GLU A 1 3  ? 8.079  3.665  -2.075  1.00 0.00 ? 3  GLU A H    2 
ATOM 274 H HA   . GLU A 1 3  ? 7.621  2.619  0.440   1.00 0.00 ? 3  GLU A HA   2 
ATOM 275 H HB2  . GLU A 1 3  ? 8.969  5.143  -0.565  1.00 0.00 ? 3  GLU A HB2  2 
ATOM 276 H HB3  . GLU A 1 3  ? 8.846  4.827  1.154   1.00 0.00 ? 3  GLU A HB3  2 
ATOM 277 H HG2  . GLU A 1 3  ? 10.078 2.736  0.946   1.00 0.00 ? 3  GLU A HG2  2 
ATOM 278 H HG3  . GLU A 1 3  ? 9.995  2.791  -0.804  1.00 0.00 ? 3  GLU A HG3  2 
ATOM 279 N N    . GLY A 1 4  ? 5.744  3.821  1.503   1.00 0.00 ? 4  GLY A N    2 
ATOM 280 C CA   . GLY A 1 4  ? 4.588  4.461  2.112   1.00 0.00 ? 4  GLY A CA   2 
ATOM 281 C C    . GLY A 1 4  ? 3.293  3.758  1.698   1.00 0.00 ? 4  GLY A C    2 
ATOM 282 O O    . GLY A 1 4  ? 2.201  4.226  2.018   1.00 0.00 ? 4  GLY A O    2 
ATOM 283 H H    . GLY A 1 4  ? 6.015  2.955  1.920   1.00 0.00 ? 4  GLY A H    2 
ATOM 284 H HA2  . GLY A 1 4  ? 4.686  4.441  3.197   1.00 0.00 ? 4  GLY A HA2  2 
ATOM 285 H HA3  . GLY A 1 4  ? 4.549  5.509  1.814   1.00 0.00 ? 4  GLY A HA3  2 
ATOM 286 N N    . TYR A 1 5  ? 3.457  2.648  0.995   1.00 0.00 ? 5  TYR A N    2 
ATOM 287 C CA   . TYR A 1 5  ? 2.315  1.877  0.534   1.00 0.00 ? 5  TYR A CA   2 
ATOM 288 C C    . TYR A 1 5  ? 2.531  0.381  0.772   1.00 0.00 ? 5  TYR A C    2 
ATOM 289 O O    . TYR A 1 5  ? 3.668  -0.087 0.809   1.00 0.00 ? 5  TYR A O    2 
ATOM 290 C CB   . TYR A 1 5  ? 2.212  2.133  -0.970  1.00 0.00 ? 5  TYR A CB   2 
ATOM 291 C CG   . TYR A 1 5  ? 1.536  3.457  -1.332  1.00 0.00 ? 5  TYR A CG   2 
ATOM 292 C CD1  . TYR A 1 5  ? 2.198  4.649  -1.126  1.00 0.00 ? 5  TYR A CD1  2 
ATOM 293 C CD2  . TYR A 1 5  ? 0.262  3.459  -1.864  1.00 0.00 ? 5  TYR A CD2  2 
ATOM 294 C CE1  . TYR A 1 5  ? 1.562  5.896  -1.465  1.00 0.00 ? 5  TYR A CE1  2 
ATOM 295 C CE2  . TYR A 1 5  ? -0.374 4.705  -2.205  1.00 0.00 ? 5  TYR A CE2  2 
ATOM 296 C CZ   . TYR A 1 5  ? 0.307  5.862  -1.988  1.00 0.00 ? 5  TYR A CZ   2 
ATOM 297 O OH   . TYR A 1 5  ? -0.294 7.039  -2.309  1.00 0.00 ? 5  TYR A OH   2 
ATOM 298 H H    . TYR A 1 5  ? 4.349  2.275  0.740   1.00 0.00 ? 5  TYR A H    2 
ATOM 299 H HA   . TYR A 1 5  ? 1.440  2.204  1.097   1.00 0.00 ? 5  TYR A HA   2 
ATOM 300 H HB2  . TYR A 1 5  ? 3.214  2.119  -1.400  1.00 0.00 ? 5  TYR A HB2  2 
ATOM 301 H HB3  . TYR A 1 5  ? 1.656  1.316  -1.430  1.00 0.00 ? 5  TYR A HB3  2 
ATOM 302 H HD1  . TYR A 1 5  ? 3.204  4.648  -0.704  1.00 0.00 ? 5  TYR A HD1  2 
ATOM 303 H HD2  . TYR A 1 5  ? -0.261 2.517  -2.027  1.00 0.00 ? 5  TYR A HD2  2 
ATOM 304 H HE1  . TYR A 1 5  ? 2.075  6.845  -1.307  1.00 0.00 ? 5  TYR A HE1  2 
ATOM 305 H HE2  . TYR A 1 5  ? -1.379 4.721  -2.626  1.00 0.00 ? 5  TYR A HE2  2 
ATOM 306 H HH   . TYR A 1 5  ? -0.970 7.280  -1.613  1.00 0.00 ? 5  TYR A HH   2 
ATOM 307 N N    . ILE A 1 6  ? 1.422  -0.327 0.925   1.00 0.00 ? 6  ILE A N    2 
ATOM 308 C CA   . ILE A 1 6  ? 1.476  -1.761 1.158   1.00 0.00 ? 6  ILE A CA   2 
ATOM 309 C C    . ILE A 1 6  ? 0.277  -2.427 0.481   1.00 0.00 ? 6  ILE A C    2 
ATOM 310 O O    . ILE A 1 6  ? -0.644 -1.748 0.033   1.00 0.00 ? 6  ILE A O    2 
ATOM 311 C CB   . ILE A 1 6  ? 1.581  -2.058 2.655   1.00 0.00 ? 6  ILE A CB   2 
ATOM 312 C CG1  . ILE A 1 6  ? 0.753  -1.061 3.470   1.00 0.00 ? 6  ILE A CG1  2 
ATOM 313 C CG2  . ILE A 1 6  ? 3.042  -2.091 3.106   1.00 0.00 ? 6  ILE A CG2  2 
ATOM 314 C CD1  . ILE A 1 6  ? -0.741 -1.226 3.182   1.00 0.00 ? 6  ILE A CD1  2 
ATOM 315 H H    . ILE A 1 6  ? 0.501  0.061  0.892   1.00 0.00 ? 6  ILE A H    2 
ATOM 316 H HA   . ILE A 1 6  ? 2.388  -2.134 0.690   1.00 0.00 ? 6  ILE A HA   2 
ATOM 317 H HB   . ILE A 1 6  ? 1.164  -3.048 2.837   1.00 0.00 ? 6  ILE A HB   2 
ATOM 318 H HG12 . ILE A 1 6  ? 0.941  -1.211 4.534   1.00 0.00 ? 6  ILE A HG12 2 
ATOM 319 H HG13 . ILE A 1 6  ? 1.063  -0.043 3.232   1.00 0.00 ? 6  ILE A HG13 2 
ATOM 320 H HG21 . ILE A 1 6  ? 3.612  -2.741 2.441   1.00 0.00 ? 6  ILE A HG21 2 
ATOM 321 H HG22 . ILE A 1 6  ? 3.457  -1.084 3.074   1.00 0.00 ? 6  ILE A HG22 2 
ATOM 322 H HG23 . ILE A 1 6  ? 3.098  -2.476 4.125   1.00 0.00 ? 6  ILE A HG23 2 
ATOM 323 H HD11 . ILE A 1 6  ? -0.950 -2.265 2.931   1.00 0.00 ? 6  ILE A HD11 2 
ATOM 324 H HD12 . ILE A 1 6  ? -1.314 -0.944 4.066   1.00 0.00 ? 6  ILE A HD12 2 
ATOM 325 H HD13 . ILE A 1 6  ? -1.023 -0.585 2.347   1.00 0.00 ? 6  ILE A HD13 2 
ATOM 326 N N    . LEU A 1 7  ? 0.329  -3.750 0.428   1.00 0.00 ? 7  LEU A N    2 
ATOM 327 C CA   . LEU A 1 7  ? -0.741 -4.518 -0.187  1.00 0.00 ? 7  LEU A CA   2 
ATOM 328 C C    . LEU A 1 7  ? -1.888 -4.677 0.814   1.00 0.00 ? 7  LEU A C    2 
ATOM 329 O O    . LEU A 1 7  ? -1.661 -4.723 2.022   1.00 0.00 ? 7  LEU A O    2 
ATOM 330 C CB   . LEU A 1 7  ? -0.208 -5.847 -0.725  1.00 0.00 ? 7  LEU A CB   2 
ATOM 331 C CG   . LEU A 1 7  ? -0.549 -6.166 -2.183  1.00 0.00 ? 7  LEU A CG   2 
ATOM 332 C CD1  . LEU A 1 7  ? 0.286  -5.312 -3.140  1.00 0.00 ? 7  LEU A CD1  2 
ATOM 333 C CD2  . LEU A 1 7  ? -0.396 -7.661 -2.467  1.00 0.00 ? 7  LEU A CD2  2 
ATOM 334 H H    . LEU A 1 7  ? 1.083  -4.296 0.794   1.00 0.00 ? 7  LEU A H    2 
ATOM 335 H HA   . LEU A 1 7  ? -1.104 -3.947 -1.040  1.00 0.00 ? 7  LEU A HA   2 
ATOM 336 H HB2  . LEU A 1 7  ? 0.878  -5.849 -0.618  1.00 0.00 ? 7  LEU A HB2  2 
ATOM 337 H HB3  . LEU A 1 7  ? -0.592 -6.651 -0.099  1.00 0.00 ? 7  LEU A HB3  2 
ATOM 338 H HG   . LEU A 1 7  ? -1.595 -5.910 -2.352  1.00 0.00 ? 7  LEU A HG   2 
ATOM 339 H HD11 . LEU A 1 7  ? 1.345  -5.468 -2.938  1.00 0.00 ? 7  LEU A HD11 2 
ATOM 340 H HD12 . LEU A 1 7  ? 0.065  -5.598 -4.168  1.00 0.00 ? 7  LEU A HD12 2 
ATOM 341 H HD13 . LEU A 1 7  ? 0.040  -4.259 -2.996  1.00 0.00 ? 7  LEU A HD13 2 
ATOM 342 H HD21 . LEU A 1 7  ? 0.591  -7.992 -2.145  1.00 0.00 ? 7  LEU A HD21 2 
ATOM 343 H HD22 . LEU A 1 7  ? -1.161 -8.214 -1.922  1.00 0.00 ? 7  LEU A HD22 2 
ATOM 344 H HD23 . LEU A 1 7  ? -0.509 -7.840 -3.536  1.00 0.00 ? 7  LEU A HD23 2 
ATOM 345 N N    . ASP A 1 8  ? -3.095 -4.754 0.273   1.00 0.00 ? 8  ASP A N    2 
ATOM 346 C CA   . ASP A 1 8  ? -4.279 -4.906 1.103   1.00 0.00 ? 8  ASP A CA   2 
ATOM 347 C C    . ASP A 1 8  ? -5.292 -5.797 0.381   1.00 0.00 ? 8  ASP A C    2 
ATOM 348 O O    . ASP A 1 8  ? -5.561 -6.915 0.816   1.00 0.00 ? 8  ASP A O    2 
ATOM 349 C CB   . ASP A 1 8  ? -4.942 -3.554 1.369   1.00 0.00 ? 8  ASP A CB   2 
ATOM 350 C CG   . ASP A 1 8  ? -6.413 -3.626 1.786   1.00 0.00 ? 8  ASP A CG   2 
ATOM 351 O OD1  . ASP A 1 8  ? -6.703 -4.422 2.706   1.00 0.00 ? 8  ASP A OD1  2 
ATOM 352 O OD2  . ASP A 1 8  ? -7.213 -2.885 1.176   1.00 0.00 ? 8  ASP A OD2  2 
ATOM 353 H H    . ASP A 1 8  ? -3.271 -4.714 -0.710  1.00 0.00 ? 8  ASP A H    2 
ATOM 354 H HA   . ASP A 1 8  ? -3.921 -5.350 2.033   1.00 0.00 ? 8  ASP A HA   2 
ATOM 355 H HB2  . ASP A 1 8  ? -4.384 -3.039 2.151   1.00 0.00 ? 8  ASP A HB2  2 
ATOM 356 H HB3  . ASP A 1 8  ? -4.865 -2.945 0.469   1.00 0.00 ? 8  ASP A HB3  2 
ATOM 357 N N    . ASP A 1 9  ? -5.827 -5.266 -0.709  1.00 0.00 ? 9  ASP A N    2 
ATOM 358 C CA   . ASP A 1 9  ? -6.804 -5.999 -1.495  1.00 0.00 ? 9  ASP A CA   2 
ATOM 359 C C    . ASP A 1 9  ? -6.166 -6.437 -2.815  1.00 0.00 ? 9  ASP A C    2 
ATOM 360 O O    . ASP A 1 9  ? -6.741 -6.236 -3.883  1.00 0.00 ? 9  ASP A O    2 
ATOM 361 C CB   . ASP A 1 9  ? -8.015 -5.123 -1.824  1.00 0.00 ? 9  ASP A CB   2 
ATOM 362 C CG   . ASP A 1 9  ? -7.705 -3.875 -2.653  1.00 0.00 ? 9  ASP A CG   2 
ATOM 363 O OD1  . ASP A 1 9  ? -6.521 -3.471 -2.650  1.00 0.00 ? 9  ASP A OD1  2 
ATOM 364 O OD2  . ASP A 1 9  ? -8.657 -3.352 -3.271  1.00 0.00 ? 9  ASP A OD2  2 
ATOM 365 H H    . ASP A 1 9  ? -5.602 -4.355 -1.055  1.00 0.00 ? 9  ASP A H    2 
ATOM 366 H HA   . ASP A 1 9  ? -7.097 -6.844 -0.873  1.00 0.00 ? 9  ASP A HA   2 
ATOM 367 H HB2  . ASP A 1 9  ? -8.746 -5.726 -2.362  1.00 0.00 ? 9  ASP A HB2  2 
ATOM 368 H HB3  . ASP A 1 9  ? -8.484 -4.813 -0.889  1.00 0.00 ? 9  ASP A HB3  2 
ATOM 369 N N    . GLY A 1 10 ? -4.985 -7.026 -2.697  1.00 0.00 ? 10 GLY A N    2 
ATOM 370 C CA   . GLY A 1 10 ? -4.262 -7.495 -3.868  1.00 0.00 ? 10 GLY A CA   2 
ATOM 371 C C    . GLY A 1 10 ? -3.429 -6.369 -4.484  1.00 0.00 ? 10 GLY A C    2 
ATOM 372 O O    . GLY A 1 10 ? -2.271 -6.575 -4.844  1.00 0.00 ? 10 GLY A O    2 
ATOM 373 H H    . GLY A 1 10 ? -4.524 -7.186 -1.825  1.00 0.00 ? 10 GLY A H    2 
ATOM 374 H HA2  . GLY A 1 10 ? -3.611 -8.323 -3.591  1.00 0.00 ? 10 GLY A HA2  2 
ATOM 375 H HA3  . GLY A 1 10 ? -4.968 -7.876 -4.606  1.00 0.00 ? 10 GLY A HA3  2 
ATOM 376 N N    . PHE A 1 11 ? -4.051 -5.203 -4.587  1.00 0.00 ? 11 PHE A N    2 
ATOM 377 C CA   . PHE A 1 11 ? -3.382 -4.045 -5.154  1.00 0.00 ? 11 PHE A CA   2 
ATOM 378 C C    . PHE A 1 11 ? -2.670 -3.237 -4.067  1.00 0.00 ? 11 PHE A C    2 
ATOM 379 O O    . PHE A 1 11 ? -2.878 -3.472 -2.878  1.00 0.00 ? 11 PHE A O    2 
ATOM 380 C CB   . PHE A 1 11 ? -4.463 -3.173 -5.794  1.00 0.00 ? 11 PHE A CB   2 
ATOM 381 C CG   . PHE A 1 11 ? -5.237 -3.865 -6.919  1.00 0.00 ? 11 PHE A CG   2 
ATOM 382 C CD1  . PHE A 1 11 ? -4.598 -4.220 -8.066  1.00 0.00 ? 11 PHE A CD1  2 
ATOM 383 C CD2  . PHE A 1 11 ? -6.563 -4.126 -6.771  1.00 0.00 ? 11 PHE A CD2  2 
ATOM 384 C CE1  . PHE A 1 11 ? -5.316 -4.862 -9.108  1.00 0.00 ? 11 PHE A CE1  2 
ATOM 385 C CE2  . PHE A 1 11 ? -7.281 -4.768 -7.814  1.00 0.00 ? 11 PHE A CE2  2 
ATOM 386 C CZ   . PHE A 1 11 ? -6.642 -5.124 -8.961  1.00 0.00 ? 11 PHE A CZ   2 
ATOM 387 H H    . PHE A 1 11 ? -4.994 -5.045 -4.293  1.00 0.00 ? 11 PHE A H    2 
ATOM 388 H HA   . PHE A 1 11 ? -2.648 -4.415 -5.870  1.00 0.00 ? 11 PHE A HA   2 
ATOM 389 H HB2  . PHE A 1 11 ? -5.166 -2.859 -5.024  1.00 0.00 ? 11 PHE A HB2  2 
ATOM 390 H HB3  . PHE A 1 11 ? -4.000 -2.269 -6.190  1.00 0.00 ? 11 PHE A HB3  2 
ATOM 391 H HD1  . PHE A 1 11 ? -3.534 -4.012 -8.184  1.00 0.00 ? 11 PHE A HD1  2 
ATOM 392 H HD2  . PHE A 1 11 ? -7.075 -3.841 -5.851  1.00 0.00 ? 11 PHE A HD2  2 
ATOM 393 H HE1  . PHE A 1 11 ? -4.803 -5.148 -10.028 1.00 0.00 ? 11 PHE A HE1  2 
ATOM 394 H HE2  . PHE A 1 11 ? -8.344 -4.977 -7.696  1.00 0.00 ? 11 PHE A HE2  2 
ATOM 395 H HZ   . PHE A 1 11 ? -7.193 -5.617 -9.762  1.00 0.00 ? 11 PHE A HZ   2 
ATOM 396 N N    . CYS A 1 12 ? -1.843 -2.304 -4.514  1.00 0.00 ? 12 CYS A N    2 
ATOM 397 C CA   . CYS A 1 12 ? -1.098 -1.460 -3.595  1.00 0.00 ? 12 CYS A CA   2 
ATOM 398 C C    . CYS A 1 12 ? -2.025 -0.343 -3.111  1.00 0.00 ? 12 CYS A C    2 
ATOM 399 O O    . CYS A 1 12 ? -2.789 0.219  -3.895  1.00 0.00 ? 12 CYS A O    2 
ATOM 400 C CB   . CYS A 1 12 ? 0.174  -0.907 -4.239  1.00 0.00 ? 12 CYS A CB   2 
ATOM 401 S SG   . CYS A 1 12 ? 1.385  -2.176 -4.760  1.00 0.00 ? 12 CYS A SG   2 
ATOM 402 H H    . CYS A 1 12 ? -1.680 -2.119 -5.484  1.00 0.00 ? 12 CYS A H    2 
ATOM 403 H HA   . CYS A 1 12 ? -0.792 -2.097 -2.765  1.00 0.00 ? 12 CYS A HA   2 
ATOM 404 H HB2  . CYS A 1 12 ? -0.105 -0.312 -5.110  1.00 0.00 ? 12 CYS A HB2  2 
ATOM 405 H HB3  . CYS A 1 12 ? 0.658  -0.232 -3.534  1.00 0.00 ? 12 CYS A HB3  2 
ATOM 406 N N    . THR A 1 13 ? -1.927 -0.056 -1.820  1.00 0.00 ? 13 THR A N    2 
ATOM 407 C CA   . THR A 1 13 ? -2.748 0.984  -1.222  1.00 0.00 ? 13 THR A CA   2 
ATOM 408 C C    . THR A 1 13 ? -1.918 1.824  -0.249  1.00 0.00 ? 13 THR A C    2 
ATOM 409 O O    . THR A 1 13 ? -0.847 1.401  0.183   1.00 0.00 ? 13 THR A O    2 
ATOM 410 C CB   . THR A 1 13 ? -3.957 0.315  -0.567  1.00 0.00 ? 13 THR A CB   2 
ATOM 411 O OG1  . THR A 1 13 ? -4.892 1.376  -0.395  1.00 0.00 ? 13 THR A OG1  2 
ATOM 412 C CG2  . THR A 1 13 ? -3.663 -0.158 0.858   1.00 0.00 ? 13 THR A CG2  2 
ATOM 413 H H    . THR A 1 13 ? -1.305 -0.517 -1.190  1.00 0.00 ? 13 THR A H    2 
ATOM 414 H HA   . THR A 1 13 ? -3.087 1.653  -2.013  1.00 0.00 ? 13 THR A HA   2 
ATOM 415 H HB   . THR A 1 13 ? -4.328 -0.506 -1.181  1.00 0.00 ? 13 THR A HB   2 
ATOM 416 H HG1  . THR A 1 13 ? -5.822 1.013  -0.370  1.00 0.00 ? 13 THR A HG1  2 
ATOM 417 H HG21 . THR A 1 13 ? -3.324 0.686  1.458   1.00 0.00 ? 13 THR A HG21 2 
ATOM 418 H HG22 . THR A 1 13 ? -4.571 -0.574 1.297   1.00 0.00 ? 13 THR A HG22 2 
ATOM 419 H HG23 . THR A 1 13 ? -2.888 -0.923 0.836   1.00 0.00 ? 13 THR A HG23 2 
ATOM 420 N N    . ASP A 1 14 ? -2.444 2.999  0.065   1.00 0.00 ? 14 ASP A N    2 
ATOM 421 C CA   . ASP A 1 14 ? -1.764 3.903  0.978   1.00 0.00 ? 14 ASP A CA   2 
ATOM 422 C C    . ASP A 1 14 ? -1.748 3.287  2.380   1.00 0.00 ? 14 ASP A C    2 
ATOM 423 O O    . ASP A 1 14 ? -2.725 2.672  2.802   1.00 0.00 ? 14 ASP A O    2 
ATOM 424 C CB   . ASP A 1 14 ? -2.486 5.249  1.062   1.00 0.00 ? 14 ASP A CB   2 
ATOM 425 C CG   . ASP A 1 14 ? -2.907 5.840  -0.285  1.00 0.00 ? 14 ASP A CG   2 
ATOM 426 O OD1  . ASP A 1 14 ? -3.681 5.157  -0.988  1.00 0.00 ? 14 ASP A OD1  2 
ATOM 427 O OD2  . ASP A 1 14 ? -2.443 6.963  -0.581  1.00 0.00 ? 14 ASP A OD2  2 
ATOM 428 H H    . ASP A 1 14 ? -3.314 3.336  -0.292  1.00 0.00 ? 14 ASP A H    2 
ATOM 429 H HA   . ASP A 1 14 ? -0.763 4.027  0.567   1.00 0.00 ? 14 ASP A HA   2 
ATOM 430 H HB2  . ASP A 1 14 ? -3.374 5.129  1.682   1.00 0.00 ? 14 ASP A HB2  2 
ATOM 431 H HB3  . ASP A 1 14 ? -1.837 5.962  1.568   1.00 0.00 ? 14 ASP A HB3  2 
ATOM 432 N N    . ILE A 1 15 ? -0.627 3.476  3.061   1.00 0.00 ? 15 ILE A N    2 
ATOM 433 C CA   . ILE A 1 15 ? -0.471 2.947  4.406   1.00 0.00 ? 15 ILE A CA   2 
ATOM 434 C C    . ILE A 1 15 ? -1.236 3.835  5.389   1.00 0.00 ? 15 ILE A C    2 
ATOM 435 O O    . ILE A 1 15 ? -0.636 4.453  6.268   1.00 0.00 ? 15 ILE A O    2 
ATOM 436 C CB   . ILE A 1 15 ? 1.010  2.783  4.748   1.00 0.00 ? 15 ILE A CB   2 
ATOM 437 C CG1  . ILE A 1 15 ? 1.194  1.892  5.978   1.00 0.00 ? 15 ILE A CG1  2 
ATOM 438 C CG2  . ILE A 1 15 ? 1.688  4.144  4.920   1.00 0.00 ? 15 ILE A CG2  2 
ATOM 439 C CD1  . ILE A 1 15 ? 2.664  1.513  6.168   1.00 0.00 ? 15 ILE A CD1  2 
ATOM 440 H H    . ILE A 1 15 ? 0.163  3.978  2.710   1.00 0.00 ? 15 ILE A H    2 
ATOM 441 H HA   . ILE A 1 15 ? -0.918 1.952  4.419   1.00 0.00 ? 15 ILE A HA   2 
ATOM 442 H HB   . ILE A 1 15 ? 1.501  2.283  3.913   1.00 0.00 ? 15 ILE A HB   2 
ATOM 443 H HG12 . ILE A 1 15 ? 0.830  2.412  6.865   1.00 0.00 ? 15 ILE A HG12 2 
ATOM 444 H HG13 . ILE A 1 15 ? 0.593  0.990  5.870   1.00 0.00 ? 15 ILE A HG13 2 
ATOM 445 H HG21 . ILE A 1 15 ? 1.115  4.905  4.389   1.00 0.00 ? 15 ILE A HG21 2 
ATOM 446 H HG22 . ILE A 1 15 ? 1.731  4.397  5.980   1.00 0.00 ? 15 ILE A HG22 2 
ATOM 447 H HG23 . ILE A 1 15 ? 2.698  4.101  4.516   1.00 0.00 ? 15 ILE A HG23 2 
ATOM 448 H HD11 . ILE A 1 15 ? 3.065  1.132  5.229   1.00 0.00 ? 15 ILE A HD11 2 
ATOM 449 H HD12 . ILE A 1 15 ? 3.230  2.394  6.473   1.00 0.00 ? 15 ILE A HD12 2 
ATOM 450 H HD13 . ILE A 1 15 ? 2.746  0.746  6.937   1.00 0.00 ? 15 ILE A HD13 2 
ATOM 451 N N    . ASP A 1 16 ? -2.548 3.869  5.210   1.00 0.00 ? 16 ASP A N    2 
ATOM 452 C CA   . ASP A 1 16 ? -3.400 4.670  6.071   1.00 0.00 ? 16 ASP A CA   2 
ATOM 453 C C    . ASP A 1 16 ? -3.536 3.983  7.431   1.00 0.00 ? 16 ASP A C    2 
ATOM 454 O O    . ASP A 1 16 ? -4.454 3.192  7.641   1.00 0.00 ? 16 ASP A O    2 
ATOM 455 C CB   . ASP A 1 16 ? -4.801 4.820  5.475   1.00 0.00 ? 16 ASP A CB   2 
ATOM 456 C CG   . ASP A 1 16 ? -5.750 5.718  6.271   1.00 0.00 ? 16 ASP A CG   2 
ATOM 457 O OD1  . ASP A 1 16 ? -5.282 6.791  6.709   1.00 0.00 ? 16 ASP A OD1  2 
ATOM 458 O OD2  . ASP A 1 16 ? -6.923 5.312  6.422   1.00 0.00 ? 16 ASP A OD2  2 
ATOM 459 H H    . ASP A 1 16 ? -3.028 3.363  4.493   1.00 0.00 ? 16 ASP A H    2 
ATOM 460 H HA   . ASP A 1 16 ? -2.906 5.640  6.141   1.00 0.00 ? 16 ASP A HA   2 
ATOM 461 H HB2  . ASP A 1 16 ? -4.711 5.218  4.465   1.00 0.00 ? 16 ASP A HB2  2 
ATOM 462 H HB3  . ASP A 1 16 ? -5.250 3.830  5.389   1.00 0.00 ? 16 ASP A HB3  2 
ATOM 463 N N    . GLU A 1 17 ? -2.607 4.309  8.319   1.00 0.00 ? 17 GLU A N    2 
ATOM 464 C CA   . GLU A 1 17 ? -2.611 3.731  9.652   1.00 0.00 ? 17 GLU A CA   2 
ATOM 465 C C    . GLU A 1 17 ? -2.376 4.820  10.702  1.00 0.00 ? 17 GLU A C    2 
ATOM 466 O O    . GLU A 1 17 ? -3.002 4.715  11.778  1.00 0.00 ? 17 GLU A O    2 
ATOM 467 C CB   . GLU A 1 17 ? -1.568 2.619  9.771   1.00 0.00 ? 17 GLU A CB   2 
ATOM 468 C CG   . GLU A 1 17 ? -1.904 1.450  8.843   1.00 0.00 ? 17 GLU A CG   2 
ATOM 469 C CD   . GLU A 1 17 ? -1.013 0.242  9.137   1.00 0.00 ? 17 GLU A CD   2 
ATOM 470 O OE1  . GLU A 1 17 ? 0.075  0.177  8.525   1.00 0.00 ? 17 GLU A OE1  2 
ATOM 471 O OE2  . GLU A 1 17 ? -1.439 -0.588 9.970   1.00 0.00 ? 17 GLU A OE2  2 
ATOM 472 O OXT  . GLU A 1 17 ? -1.571 5.733  10.401  1.00 0.00 ? 17 GLU A OXT  2 
ATOM 473 H H    . GLU A 1 17 ? -1.863 4.952  8.138   1.00 0.00 ? 17 GLU A H    2 
ATOM 474 H HA   . GLU A 1 17 ? -3.605 3.303  9.779   1.00 0.00 ? 17 GLU A HA   2 
ATOM 475 H HB2  . GLU A 1 17 ? -0.582 3.012  9.524   1.00 0.00 ? 17 GLU A HB2  2 
ATOM 476 H HB3  . GLU A 1 17 ? -1.522 2.268  10.802  1.00 0.00 ? 17 GLU A HB3  2 
ATOM 477 H HG2  . GLU A 1 17 ? -2.951 1.173  8.966   1.00 0.00 ? 17 GLU A HG2  2 
ATOM 478 H HG3  . GLU A 1 17 ? -1.775 1.757  7.804   1.00 0.00 ? 17 GLU A HG3  2 
ATOM 479 N N    . CYS A 1 1  ? 5.479  -2.887 -4.432  1.00 0.00 ? 1  CYS A N    3 
ATOM 480 C CA   . CYS A 1 1  ? 4.846  -1.640 -4.037  1.00 0.00 ? 1  CYS A CA   3 
ATOM 481 C C    . CYS A 1 1  ? 5.930  -0.692 -3.523  1.00 0.00 ? 1  CYS A C    3 
ATOM 482 O O    . CYS A 1 1  ? 6.937  -1.135 -2.972  1.00 0.00 ? 1  CYS A O    3 
ATOM 483 C CB   . CYS A 1 1  ? 3.748  -1.869 -2.996  1.00 0.00 ? 1  CYS A CB   3 
ATOM 484 S SG   . CYS A 1 1  ? 2.367  -2.931 -3.558  1.00 0.00 ? 1  CYS A SG   3 
ATOM 485 H H    . CYS A 1 1  ? 6.142  -3.213 -3.738  1.00 0.00 ? 1  CYS A H    3 
ATOM 486 H HA   . CYS A 1 1  ? 4.369  -1.235 -4.929  1.00 0.00 ? 1  CYS A HA   3 
ATOM 487 H HB2  . CYS A 1 1  ? 4.195  -2.318 -2.109  1.00 0.00 ? 1  CYS A HB2  3 
ATOM 488 H HB3  . CYS A 1 1  ? 3.345  -0.902 -2.696  1.00 0.00 ? 1  CYS A HB3  3 
ATOM 489 N N    . PRO A 1 2  ? 5.682  0.630  -3.727  1.00 0.00 ? 2  PRO A N    3 
ATOM 490 C CA   . PRO A 1 2  ? 6.626  1.644  -3.290  1.00 0.00 ? 2  PRO A CA   3 
ATOM 491 C C    . PRO A 1 2  ? 6.567  1.832  -1.773  1.00 0.00 ? 2  PRO A C    3 
ATOM 492 O O    . PRO A 1 2  ? 5.665  1.315  -1.115  1.00 0.00 ? 2  PRO A O    3 
ATOM 493 C CB   . PRO A 1 2  ? 6.240  2.897  -4.059  1.00 0.00 ? 2  PRO A CB   3 
ATOM 494 C CG   . PRO A 1 2  ? 4.818  2.668  -4.543  1.00 0.00 ? 2  PRO A CG   3 
ATOM 495 C CD   . PRO A 1 2  ? 4.501  1.191  -4.376  1.00 0.00 ? 2  PRO A CD   3 
ATOM 496 H HA   . PRO A 1 2  ? 7.645  1.332  -3.519  1.00 0.00 ? 2  PRO A HA   3 
ATOM 497 H HB2  . PRO A 1 2  ? 6.299  3.780  -3.421  1.00 0.00 ? 2  PRO A HB2  3 
ATOM 498 H HB3  . PRO A 1 2  ? 6.916  3.065  -4.897  1.00 0.00 ? 2  PRO A HB3  3 
ATOM 499 H HG2  . PRO A 1 2  ? 4.117  3.276  -3.970  1.00 0.00 ? 2  PRO A HG2  3 
ATOM 500 H HG3  . PRO A 1 2  ? 4.717  2.965  -5.587  1.00 0.00 ? 2  PRO A HG3  3 
ATOM 501 H HD2  . PRO A 1 2  ? 3.608  1.044  -3.769  1.00 0.00 ? 2  PRO A HD2  3 
ATOM 502 H HD3  . PRO A 1 2  ? 4.315  0.714  -5.338  1.00 0.00 ? 2  PRO A HD3  3 
ATOM 503 N N    . GLU A 1 3  ? 7.539  2.573  -1.261  1.00 0.00 ? 3  GLU A N    3 
ATOM 504 C CA   . GLU A 1 3  ? 7.608  2.835  0.166   1.00 0.00 ? 3  GLU A CA   3 
ATOM 505 C C    . GLU A 1 3  ? 6.397  3.654  0.615   1.00 0.00 ? 3  GLU A C    3 
ATOM 506 O O    . GLU A 1 3  ? 6.065  4.666  0.000   1.00 0.00 ? 3  GLU A O    3 
ATOM 507 C CB   . GLU A 1 3  ? 8.915  3.543  0.531   1.00 0.00 ? 3  GLU A CB   3 
ATOM 508 C CG   . GLU A 1 3  ? 9.026  3.745  2.043   1.00 0.00 ? 3  GLU A CG   3 
ATOM 509 C CD   . GLU A 1 3  ? 8.971  2.405  2.781   1.00 0.00 ? 3  GLU A CD   3 
ATOM 510 O OE1  . GLU A 1 3  ? 10.043 1.773  2.890   1.00 0.00 ? 3  GLU A OE1  3 
ATOM 511 O OE2  . GLU A 1 3  ? 7.857  2.044  3.217   1.00 0.00 ? 3  GLU A OE2  3 
ATOM 512 H H    . GLU A 1 3  ? 8.268  2.990  -1.804  1.00 0.00 ? 3  GLU A H    3 
ATOM 513 H HA   . GLU A 1 3  ? 7.589  1.855  0.642   1.00 0.00 ? 3  GLU A HA   3 
ATOM 514 H HB2  . GLU A 1 3  ? 9.762  2.957  0.175   1.00 0.00 ? 3  GLU A HB2  3 
ATOM 515 H HB3  . GLU A 1 3  ? 8.962  4.508  0.027   1.00 0.00 ? 3  GLU A HB3  3 
ATOM 516 H HG2  . GLU A 1 3  ? 9.960  4.255  2.277   1.00 0.00 ? 3  GLU A HG2  3 
ATOM 517 H HG3  . GLU A 1 3  ? 8.216  4.388  2.388   1.00 0.00 ? 3  GLU A HG3  3 
ATOM 518 N N    . GLY A 1 4  ? 5.770  3.186  1.684   1.00 0.00 ? 4  GLY A N    3 
ATOM 519 C CA   . GLY A 1 4  ? 4.602  3.863  2.223   1.00 0.00 ? 4  GLY A CA   3 
ATOM 520 C C    . GLY A 1 4  ? 3.312  3.226  1.704   1.00 0.00 ? 4  GLY A C    3 
ATOM 521 O O    . GLY A 1 4  ? 2.218  3.706  1.997   1.00 0.00 ? 4  GLY A O    3 
ATOM 522 H H    . GLY A 1 4  ? 6.047  2.363  2.179   1.00 0.00 ? 4  GLY A H    3 
ATOM 523 H HA2  . GLY A 1 4  ? 4.622  3.818  3.312   1.00 0.00 ? 4  GLY A HA2  3 
ATOM 524 H HA3  . GLY A 1 4  ? 4.628  4.917  1.947   1.00 0.00 ? 4  GLY A HA3  3 
ATOM 525 N N    . TYR A 1 5  ? 3.482  2.156  0.942   1.00 0.00 ? 5  TYR A N    3 
ATOM 526 C CA   . TYR A 1 5  ? 2.345  1.448  0.380   1.00 0.00 ? 5  TYR A CA   3 
ATOM 527 C C    . TYR A 1 5  ? 2.438  -0.052 0.662   1.00 0.00 ? 5  TYR A C    3 
ATOM 528 O O    . TYR A 1 5  ? 3.531  -0.587 0.845   1.00 0.00 ? 5  TYR A O    3 
ATOM 529 C CB   . TYR A 1 5  ? 2.412  1.677  -1.132  1.00 0.00 ? 5  TYR A CB   3 
ATOM 530 C CG   . TYR A 1 5  ? 1.743  2.973  -1.596  1.00 0.00 ? 5  TYR A CG   3 
ATOM 531 C CD1  . TYR A 1 5  ? 2.376  4.184  -1.400  1.00 0.00 ? 5  TYR A CD1  3 
ATOM 532 C CD2  . TYR A 1 5  ? 0.509  2.931  -2.211  1.00 0.00 ? 5  TYR A CD2  3 
ATOM 533 C CE1  . TYR A 1 5  ? 1.748  5.403  -1.837  1.00 0.00 ? 5  TYR A CE1  3 
ATOM 534 C CE2  . TYR A 1 5  ? -0.119 4.150  -2.648  1.00 0.00 ? 5  TYR A CE2  3 
ATOM 535 C CZ   . TYR A 1 5  ? 0.531  5.326  -2.439  1.00 0.00 ? 5  TYR A CZ   3 
ATOM 536 O OH   . TYR A 1 5  ? -0.062 6.479  -2.852  1.00 0.00 ? 5  TYR A OH   3 
ATOM 537 H H    . TYR A 1 5  ? 4.376  1.773  0.708   1.00 0.00 ? 5  TYR A H    3 
ATOM 538 H HA   . TYR A 1 5  ? 1.441  1.843  0.844   1.00 0.00 ? 5  TYR A HA   3 
ATOM 539 H HB2  . TYR A 1 5  ? 3.457  1.687  -1.442  1.00 0.00 ? 5  TYR A HB2  3 
ATOM 540 H HB3  . TYR A 1 5  ? 1.938  0.835  -1.637  1.00 0.00 ? 5  TYR A HB3  3 
ATOM 541 H HD1  . TYR A 1 5  ? 3.352  4.216  -0.914  1.00 0.00 ? 5  TYR A HD1  3 
ATOM 542 H HD2  . TYR A 1 5  ? 0.010  1.974  -2.365  1.00 0.00 ? 5  TYR A HD2  3 
ATOM 543 H HE1  . TYR A 1 5  ? 2.236  6.366  -1.688  1.00 0.00 ? 5  TYR A HE1  3 
ATOM 544 H HE2  . TYR A 1 5  ? -1.094 4.132  -3.135  1.00 0.00 ? 5  TYR A HE2  3 
ATOM 545 H HH   . TYR A 1 5  ? -0.322 7.032  -2.060  1.00 0.00 ? 5  TYR A HH   3 
ATOM 546 N N    . ILE A 1 6  ? 1.277  -0.690 0.688   1.00 0.00 ? 6  ILE A N    3 
ATOM 547 C CA   . ILE A 1 6  ? 1.214  -2.120 0.944   1.00 0.00 ? 6  ILE A CA   3 
ATOM 548 C C    . ILE A 1 6  ? 0.266  -2.773 -0.064  1.00 0.00 ? 6  ILE A C    3 
ATOM 549 O O    . ILE A 1 6  ? -0.639 -2.121 -0.582  1.00 0.00 ? 6  ILE A O    3 
ATOM 550 C CB   . ILE A 1 6  ? 0.840  -2.386 2.403   1.00 0.00 ? 6  ILE A CB   3 
ATOM 551 C CG1  . ILE A 1 6  ? -0.532 -1.793 2.734   1.00 0.00 ? 6  ILE A CG1  3 
ATOM 552 C CG2  . ILE A 1 6  ? 1.927  -1.876 3.350   1.00 0.00 ? 6  ILE A CG2  3 
ATOM 553 C CD1  . ILE A 1 6  ? -0.398 -0.366 3.269   1.00 0.00 ? 6  ILE A CD1  3 
ATOM 554 H H    . ILE A 1 6  ? 0.393  -0.249 0.536   1.00 0.00 ? 6  ILE A H    3 
ATOM 555 H HA   . ILE A 1 6  ? 2.215  -2.524 0.789   1.00 0.00 ? 6  ILE A HA   3 
ATOM 556 H HB   . ILE A 1 6  ? 0.768  -3.464 2.546   1.00 0.00 ? 6  ILE A HB   3 
ATOM 557 H HG12 . ILE A 1 6  ? -1.157 -1.793 1.841   1.00 0.00 ? 6  ILE A HG12 3 
ATOM 558 H HG13 . ILE A 1 6  ? -1.033 -2.418 3.474   1.00 0.00 ? 6  ILE A HG13 3 
ATOM 559 H HG21 . ILE A 1 6  ? 2.127  -0.825 3.142   1.00 0.00 ? 6  ILE A HG21 3 
ATOM 560 H HG22 . ILE A 1 6  ? 1.592  -1.985 4.381   1.00 0.00 ? 6  ILE A HG22 3 
ATOM 561 H HG23 . ILE A 1 6  ? 2.839  -2.456 3.202   1.00 0.00 ? 6  ILE A HG23 3 
ATOM 562 H HD11 . ILE A 1 6  ? 0.292  0.196  2.639   1.00 0.00 ? 6  ILE A HD11 3 
ATOM 563 H HD12 . ILE A 1 6  ? -1.374 0.118  3.262   1.00 0.00 ? 6  ILE A HD12 3 
ATOM 564 H HD13 . ILE A 1 6  ? -0.015 -0.395 4.289   1.00 0.00 ? 6  ILE A HD13 3 
ATOM 565 N N    . LEU A 1 7  ? 0.507  -4.052 -0.311  1.00 0.00 ? 7  LEU A N    3 
ATOM 566 C CA   . LEU A 1 7  ? -0.314 -4.800 -1.247  1.00 0.00 ? 7  LEU A CA   3 
ATOM 567 C C    . LEU A 1 7  ? -1.551 -5.334 -0.521  1.00 0.00 ? 7  LEU A C    3 
ATOM 568 O O    . LEU A 1 7  ? -1.524 -6.431 0.033   1.00 0.00 ? 7  LEU A O    3 
ATOM 569 C CB   . LEU A 1 7  ? 0.513  -5.890 -1.934  1.00 0.00 ? 7  LEU A CB   3 
ATOM 570 C CG   . LEU A 1 7  ? -0.116 -6.527 -3.174  1.00 0.00 ? 7  LEU A CG   3 
ATOM 571 C CD1  . LEU A 1 7  ? 0.347  -5.819 -4.449  1.00 0.00 ? 7  LEU A CD1  3 
ATOM 572 C CD2  . LEU A 1 7  ? 0.165  -8.031 -3.219  1.00 0.00 ? 7  LEU A CD2  3 
ATOM 573 H H    . LEU A 1 7  ? 1.246  -4.574 0.115   1.00 0.00 ? 7  LEU A H    3 
ATOM 574 H HA   . LEU A 1 7  ? -0.641 -4.107 -2.022  1.00 0.00 ? 7  LEU A HA   3 
ATOM 575 H HB2  . LEU A 1 7  ? 1.475  -5.462 -2.217  1.00 0.00 ? 7  LEU A HB2  3 
ATOM 576 H HB3  . LEU A 1 7  ? 0.715  -6.677 -1.207  1.00 0.00 ? 7  LEU A HB3  3 
ATOM 577 H HG   . LEU A 1 7  ? -1.197 -6.403 -3.111  1.00 0.00 ? 7  LEU A HG   3 
ATOM 578 H HD11 . LEU A 1 7  ? 0.074  -4.765 -4.398  1.00 0.00 ? 7  LEU A HD11 3 
ATOM 579 H HD12 . LEU A 1 7  ? 1.430  -5.911 -4.542  1.00 0.00 ? 7  LEU A HD12 3 
ATOM 580 H HD13 . LEU A 1 7  ? -0.132 -6.278 -5.314  1.00 0.00 ? 7  LEU A HD13 3 
ATOM 581 H HD21 . LEU A 1 7  ? 1.226  -8.207 -3.050  1.00 0.00 ? 7  LEU A HD21 3 
ATOM 582 H HD22 . LEU A 1 7  ? -0.416 -8.532 -2.444  1.00 0.00 ? 7  LEU A HD22 3 
ATOM 583 H HD23 . LEU A 1 7  ? -0.118 -8.423 -4.196  1.00 0.00 ? 7  LEU A HD23 3 
ATOM 584 N N    . ASP A 1 8  ? -2.606 -4.532 -0.547  1.00 0.00 ? 8  ASP A N    3 
ATOM 585 C CA   . ASP A 1 8  ? -3.849 -4.909 0.102   1.00 0.00 ? 8  ASP A CA   3 
ATOM 586 C C    . ASP A 1 8  ? -4.888 -5.267 -0.964  1.00 0.00 ? 8  ASP A C    3 
ATOM 587 O O    . ASP A 1 8  ? -5.114 -4.499 -1.898  1.00 0.00 ? 8  ASP A O    3 
ATOM 588 C CB   . ASP A 1 8  ? -4.408 -3.756 0.937   1.00 0.00 ? 8  ASP A CB   3 
ATOM 589 C CG   . ASP A 1 8  ? -3.620 -3.439 2.210   1.00 0.00 ? 8  ASP A CG   3 
ATOM 590 O OD1  . ASP A 1 8  ? -2.690 -4.218 2.510   1.00 0.00 ? 8  ASP A OD1  3 
ATOM 591 O OD2  . ASP A 1 8  ? -3.967 -2.425 2.854   1.00 0.00 ? 8  ASP A OD2  3 
ATOM 592 H H    . ASP A 1 8  ? -2.619 -3.640 -1.001  1.00 0.00 ? 8  ASP A H    3 
ATOM 593 H HA   . ASP A 1 8  ? -3.595 -5.758 0.737   1.00 0.00 ? 8  ASP A HA   3 
ATOM 594 H HB2  . ASP A 1 8  ? -4.440 -2.860 0.316   1.00 0.00 ? 8  ASP A HB2  3 
ATOM 595 H HB3  . ASP A 1 8  ? -5.436 -3.990 1.212   1.00 0.00 ? 8  ASP A HB3  3 
ATOM 596 N N    . ASP A 1 9  ? -5.491 -6.434 -0.789  1.00 0.00 ? 9  ASP A N    3 
ATOM 597 C CA   . ASP A 1 9  ? -6.499 -6.902 -1.723  1.00 0.00 ? 9  ASP A CA   3 
ATOM 598 C C    . ASP A 1 9  ? -5.885 -7.006 -3.121  1.00 0.00 ? 9  ASP A C    3 
ATOM 599 O O    . ASP A 1 9  ? -6.578 -6.832 -4.122  1.00 0.00 ? 9  ASP A O    3 
ATOM 600 C CB   . ASP A 1 9  ? -7.678 -5.928 -1.796  1.00 0.00 ? 9  ASP A CB   3 
ATOM 601 C CG   . ASP A 1 9  ? -8.206 -5.451 -0.442  1.00 0.00 ? 9  ASP A CG   3 
ATOM 602 O OD1  . ASP A 1 9  ? -8.382 -6.321 0.438   1.00 0.00 ? 9  ASP A OD1  3 
ATOM 603 O OD2  . ASP A 1 9  ? -8.423 -4.227 -0.317  1.00 0.00 ? 9  ASP A OD2  3 
ATOM 604 H H    . ASP A 1 9  ? -5.301 -7.052 -0.026  1.00 0.00 ? 9  ASP A H    3 
ATOM 605 H HA   . ASP A 1 9  ? -6.822 -7.869 -1.337  1.00 0.00 ? 9  ASP A HA   3 
ATOM 606 H HB2  . ASP A 1 9  ? -7.375 -5.059 -2.379  1.00 0.00 ? 9  ASP A HB2  3 
ATOM 607 H HB3  . ASP A 1 9  ? -8.493 -6.408 -2.339  1.00 0.00 ? 9  ASP A HB3  3 
ATOM 608 N N    . GLY A 1 10 ? -4.591 -7.289 -3.143  1.00 0.00 ? 10 GLY A N    3 
ATOM 609 C CA   . GLY A 1 10 ? -3.875 -7.417 -4.402  1.00 0.00 ? 10 GLY A CA   3 
ATOM 610 C C    . GLY A 1 10 ? -3.761 -6.065 -5.108  1.00 0.00 ? 10 GLY A C    3 
ATOM 611 O O    . GLY A 1 10 ? -3.843 -5.992 -6.333  1.00 0.00 ? 10 GLY A O    3 
ATOM 612 H H    . GLY A 1 10 ? -4.034 -7.428 -2.324  1.00 0.00 ? 10 GLY A H    3 
ATOM 613 H HA2  . GLY A 1 10 ? -2.879 -7.821 -4.218  1.00 0.00 ? 10 GLY A HA2  3 
ATOM 614 H HA3  . GLY A 1 10 ? -4.392 -8.127 -5.047  1.00 0.00 ? 10 GLY A HA3  3 
ATOM 615 N N    . PHE A 1 11 ? -3.572 -5.028 -4.305  1.00 0.00 ? 11 PHE A N    3 
ATOM 616 C CA   . PHE A 1 11 ? -3.446 -3.682 -4.839  1.00 0.00 ? 11 PHE A CA   3 
ATOM 617 C C    . PHE A 1 11 ? -2.550 -2.821 -3.947  1.00 0.00 ? 11 PHE A C    3 
ATOM 618 O O    . PHE A 1 11 ? -2.686 -2.836 -2.725  1.00 0.00 ? 11 PHE A O    3 
ATOM 619 C CB   . PHE A 1 11 ? -4.851 -3.078 -4.865  1.00 0.00 ? 11 PHE A CB   3 
ATOM 620 C CG   . PHE A 1 11 ? -5.191 -2.348 -6.166  1.00 0.00 ? 11 PHE A CG   3 
ATOM 621 C CD1  . PHE A 1 11 ? -4.842 -1.044 -6.326  1.00 0.00 ? 11 PHE A CD1  3 
ATOM 622 C CD2  . PHE A 1 11 ? -5.842 -3.005 -7.164  1.00 0.00 ? 11 PHE A CD2  3 
ATOM 623 C CE1  . PHE A 1 11 ? -5.157 -0.366 -7.533  1.00 0.00 ? 11 PHE A CE1  3 
ATOM 624 C CE2  . PHE A 1 11 ? -6.156 -2.328 -8.372  1.00 0.00 ? 11 PHE A CE2  3 
ATOM 625 C CZ   . PHE A 1 11 ? -5.808 -1.023 -8.531  1.00 0.00 ? 11 PHE A CZ   3 
ATOM 626 H H    . PHE A 1 11 ? -3.507 -5.096 -3.310  1.00 0.00 ? 11 PHE A H    3 
ATOM 627 H HA   . PHE A 1 11 ? -2.997 -3.767 -5.829  1.00 0.00 ? 11 PHE A HA   3 
ATOM 628 H HB2  . PHE A 1 11 ? -5.580 -3.871 -4.705  1.00 0.00 ? 11 PHE A HB2  3 
ATOM 629 H HB3  . PHE A 1 11 ? -4.951 -2.380 -4.033  1.00 0.00 ? 11 PHE A HB3  3 
ATOM 630 H HD1  . PHE A 1 11 ? -4.320 -0.517 -5.527  1.00 0.00 ? 11 PHE A HD1  3 
ATOM 631 H HD2  . PHE A 1 11 ? -6.122 -4.050 -7.036  1.00 0.00 ? 11 PHE A HD2  3 
ATOM 632 H HE1  . PHE A 1 11 ? -4.877 0.679  -7.661  1.00 0.00 ? 11 PHE A HE1  3 
ATOM 633 H HE2  . PHE A 1 11 ? -6.678 -2.853 -9.171  1.00 0.00 ? 11 PHE A HE2  3 
ATOM 634 H HZ   . PHE A 1 11 ? -6.050 -0.503 -9.458  1.00 0.00 ? 11 PHE A HZ   3 
ATOM 635 N N    . CYS A 1 12 ? -1.653 -2.091 -4.593  1.00 0.00 ? 12 CYS A N    3 
ATOM 636 C CA   . CYS A 1 12 ? -0.734 -1.225 -3.874  1.00 0.00 ? 12 CYS A CA   3 
ATOM 637 C C    . CYS A 1 12 ? -1.518 -0.019 -3.354  1.00 0.00 ? 12 CYS A C    3 
ATOM 638 O O    . CYS A 1 12 ? -1.688 0.970  -4.065  1.00 0.00 ? 12 CYS A O    3 
ATOM 639 C CB   . CYS A 1 12 ? 0.448  -0.802 -4.750  1.00 0.00 ? 12 CYS A CB   3 
ATOM 640 S SG   . CYS A 1 12 ? 1.549  -2.170 -5.266  1.00 0.00 ? 12 CYS A SG   3 
ATOM 641 H H    . CYS A 1 12 ? -1.548 -2.085 -5.588  1.00 0.00 ? 12 CYS A H    3 
ATOM 642 H HA   . CYS A 1 12 ? -0.332 -1.812 -3.048  1.00 0.00 ? 12 CYS A HA   3 
ATOM 643 H HB2  . CYS A 1 12 ? 0.062  -0.308 -5.641  1.00 0.00 ? 12 CYS A HB2  3 
ATOM 644 H HB3  . CYS A 1 12 ? 1.039  -0.064 -4.207  1.00 0.00 ? 12 CYS A HB3  3 
ATOM 645 N N    . THR A 1 13 ? -1.976 -0.141 -2.116  1.00 0.00 ? 13 THR A N    3 
ATOM 646 C CA   . THR A 1 13 ? -2.739 0.927  -1.492  1.00 0.00 ? 13 THR A CA   3 
ATOM 647 C C    . THR A 1 13 ? -1.858 1.712  -0.519  1.00 0.00 ? 13 THR A C    3 
ATOM 648 O O    . THR A 1 13 ? -0.962 1.149  0.108   1.00 0.00 ? 13 THR A O    3 
ATOM 649 C CB   . THR A 1 13 ? -3.970 0.304  -0.830  1.00 0.00 ? 13 THR A CB   3 
ATOM 650 O OG1  . THR A 1 13 ? -4.921 1.365  -0.800  1.00 0.00 ? 13 THR A OG1  3 
ATOM 651 C CG2  . THR A 1 13 ? -3.736 -0.029 0.644   1.00 0.00 ? 13 THR A CG2  3 
ATOM 652 H H    . THR A 1 13 ? -1.834 -0.948 -1.544  1.00 0.00 ? 13 THR A H    3 
ATOM 653 H HA   . THR A 1 13 ? -3.056 1.623  -2.269  1.00 0.00 ? 13 THR A HA   3 
ATOM 654 H HB   . THR A 1 13 ? -4.304 -0.575 -1.381  1.00 0.00 ? 13 THR A HB   3 
ATOM 655 H HG1  . THR A 1 13 ? -5.844 0.994  -0.693  1.00 0.00 ? 13 THR A HG1  3 
ATOM 656 H HG21 . THR A 1 13 ? -2.861 -0.672 0.738   1.00 0.00 ? 13 THR A HG21 3 
ATOM 657 H HG22 . THR A 1 13 ? -3.572 0.892  1.204   1.00 0.00 ? 13 THR A HG22 3 
ATOM 658 H HG23 . THR A 1 13 ? -4.609 -0.545 1.043   1.00 0.00 ? 13 THR A HG23 3 
ATOM 659 N N    . ASP A 1 14 ? -2.143 3.004  -0.422  1.00 0.00 ? 14 ASP A N    3 
ATOM 660 C CA   . ASP A 1 14 ? -1.388 3.872  0.464   1.00 0.00 ? 14 ASP A CA   3 
ATOM 661 C C    . ASP A 1 14 ? -1.685 3.495  1.916   1.00 0.00 ? 14 ASP A C    3 
ATOM 662 O O    . ASP A 1 14 ? -2.808 3.115  2.246   1.00 0.00 ? 14 ASP A O    3 
ATOM 663 C CB   . ASP A 1 14 ? -1.783 5.338  0.266   1.00 0.00 ? 14 ASP A CB   3 
ATOM 664 C CG   . ASP A 1 14 ? -0.709 6.354  0.659   1.00 0.00 ? 14 ASP A CG   3 
ATOM 665 O OD1  . ASP A 1 14 ? -0.214 6.245  1.801   1.00 0.00 ? 14 ASP A OD1  3 
ATOM 666 O OD2  . ASP A 1 14 ? -0.409 7.219  -0.193  1.00 0.00 ? 14 ASP A OD2  3 
ATOM 667 H H    . ASP A 1 14 ? -2.873 3.454  -0.936  1.00 0.00 ? 14 ASP A H    3 
ATOM 668 H HA   . ASP A 1 14 ? -0.343 3.715  0.198   1.00 0.00 ? 14 ASP A HA   3 
ATOM 669 H HB2  . ASP A 1 14 ? -2.041 5.491  -0.781  1.00 0.00 ? 14 ASP A HB2  3 
ATOM 670 H HB3  . ASP A 1 14 ? -2.682 5.537  0.849   1.00 0.00 ? 14 ASP A HB3  3 
ATOM 671 N N    . ILE A 1 15 ? -0.659 3.611  2.747   1.00 0.00 ? 15 ILE A N    3 
ATOM 672 C CA   . ILE A 1 15 ? -0.796 3.286  4.156   1.00 0.00 ? 15 ILE A CA   3 
ATOM 673 C C    . ILE A 1 15 ? -1.579 4.398  4.858   1.00 0.00 ? 15 ILE A C    3 
ATOM 674 O O    . ILE A 1 15 ? -2.136 4.186  5.933   1.00 0.00 ? 15 ILE A O    3 
ATOM 675 C CB   . ILE A 1 15 ? 0.574  3.012  4.779   1.00 0.00 ? 15 ILE A CB   3 
ATOM 676 C CG1  . ILE A 1 15 ? 0.439  2.188  6.061   1.00 0.00 ? 15 ILE A CG1  3 
ATOM 677 C CG2  . ILE A 1 15 ? 1.341  4.316  5.012   1.00 0.00 ? 15 ILE A CG2  3 
ATOM 678 C CD1  . ILE A 1 15 ? 1.773  1.539  6.439   1.00 0.00 ? 15 ILE A CD1  3 
ATOM 679 H H    . ILE A 1 15 ? 0.252  3.920  2.471   1.00 0.00 ? 15 ILE A H    3 
ATOM 680 H HA   . ILE A 1 15 ? -1.371 2.362  4.224   1.00 0.00 ? 15 ILE A HA   3 
ATOM 681 H HB   . ILE A 1 15 ? 1.157  2.418  4.074   1.00 0.00 ? 15 ILE A HB   3 
ATOM 682 H HG12 . ILE A 1 15 ? 0.099  2.829  6.875   1.00 0.00 ? 15 ILE A HG12 3 
ATOM 683 H HG13 . ILE A 1 15 ? -0.319 1.417  5.924   1.00 0.00 ? 15 ILE A HG13 3 
ATOM 684 H HG21 . ILE A 1 15 ? 1.361  4.896  4.090   1.00 0.00 ? 15 ILE A HG21 3 
ATOM 685 H HG22 . ILE A 1 15 ? 0.847  4.892  5.795   1.00 0.00 ? 15 ILE A HG22 3 
ATOM 686 H HG23 . ILE A 1 15 ? 2.361  4.086  5.320   1.00 0.00 ? 15 ILE A HG23 3 
ATOM 687 H HD11 . ILE A 1 15 ? 2.214  1.077  5.556   1.00 0.00 ? 15 ILE A HD11 3 
ATOM 688 H HD12 . ILE A 1 15 ? 2.449  2.300  6.828   1.00 0.00 ? 15 ILE A HD12 3 
ATOM 689 H HD13 . ILE A 1 15 ? 1.604  0.779  7.201   1.00 0.00 ? 15 ILE A HD13 3 
ATOM 690 N N    . ASP A 1 16 ? -1.596 5.559  4.219   1.00 0.00 ? 16 ASP A N    3 
ATOM 691 C CA   . ASP A 1 16 ? -2.301 6.704  4.768   1.00 0.00 ? 16 ASP A CA   3 
ATOM 692 C C    . ASP A 1 16 ? -1.859 6.923  6.216   1.00 0.00 ? 16 ASP A C    3 
ATOM 693 O O    . ASP A 1 16 ? -2.561 6.534  7.149   1.00 0.00 ? 16 ASP A O    3 
ATOM 694 C CB   . ASP A 1 16 ? -3.814 6.474  4.765   1.00 0.00 ? 16 ASP A CB   3 
ATOM 695 C CG   . ASP A 1 16 ? -4.654 7.685  5.173   1.00 0.00 ? 16 ASP A CG   3 
ATOM 696 O OD1  . ASP A 1 16 ? -4.180 8.815  4.921   1.00 0.00 ? 16 ASP A OD1  3 
ATOM 697 O OD2  . ASP A 1 16 ? -5.751 7.455  5.727   1.00 0.00 ? 16 ASP A OD2  3 
ATOM 698 H H    . ASP A 1 16 ? -1.140 5.723  3.345   1.00 0.00 ? 16 ASP A H    3 
ATOM 699 H HA   . ASP A 1 16 ? -2.037 7.541  4.121   1.00 0.00 ? 16 ASP A HA   3 
ATOM 700 H HB2  . ASP A 1 16 ? -4.116 6.159  3.766   1.00 0.00 ? 16 ASP A HB2  3 
ATOM 701 H HB3  . ASP A 1 16 ? -4.042 5.648  5.441   1.00 0.00 ? 16 ASP A HB3  3 
ATOM 702 N N    . GLU A 1 17 ? -0.699 7.547  6.360   1.00 0.00 ? 17 GLU A N    3 
ATOM 703 C CA   . GLU A 1 17 ? -0.155 7.822  7.679   1.00 0.00 ? 17 GLU A CA   3 
ATOM 704 C C    . GLU A 1 17 ? 0.830  8.991  7.614   1.00 0.00 ? 17 GLU A C    3 
ATOM 705 O O    . GLU A 1 17 ? 0.837  9.782  8.581   1.00 0.00 ? 17 GLU A O    3 
ATOM 706 C CB   . GLU A 1 17 ? 0.509  6.577  8.269   1.00 0.00 ? 17 GLU A CB   3 
ATOM 707 C CG   . GLU A 1 17 ? 0.582  6.665  9.795   1.00 0.00 ? 17 GLU A CG   3 
ATOM 708 C CD   . GLU A 1 17 ? 1.171  5.384  10.391  1.00 0.00 ? 17 GLU A CD   3 
ATOM 709 O OE1  . GLU A 1 17 ? 2.413  5.255  10.343  1.00 0.00 ? 17 GLU A OE1  3 
ATOM 710 O OE2  . GLU A 1 17 ? 0.365  4.563  10.880  1.00 0.00 ? 17 GLU A OE2  3 
ATOM 711 O OXT  . GLU A 1 17 ? 1.555  9.066  6.594   1.00 0.00 ? 17 GLU A OXT  3 
ATOM 712 H H    . GLU A 1 17 ? -0.135 7.860  5.597   1.00 0.00 ? 17 GLU A H    3 
ATOM 713 H HA   . GLU A 1 17 ? -1.013 8.094  8.294   1.00 0.00 ? 17 GLU A HA   3 
ATOM 714 H HB2  . GLU A 1 17 ? -0.051 5.688  7.979   1.00 0.00 ? 17 GLU A HB2  3 
ATOM 715 H HB3  . GLU A 1 17 ? 1.513  6.468  7.859   1.00 0.00 ? 17 GLU A HB3  3 
ATOM 716 H HG2  . GLU A 1 17 ? 1.192  7.520  10.085  1.00 0.00 ? 17 GLU A HG2  3 
ATOM 717 H HG3  . GLU A 1 17 ? -0.416 6.833  10.201  1.00 0.00 ? 17 GLU A HG3  3 
# 
